data_2C0O
#
_entry.id   2C0O
#
_cell.length_a   49.015
_cell.length_b   73.176
_cell.length_c   180.167
_cell.angle_alpha   90.00
_cell.angle_beta   95.52
_cell.angle_gamma   90.00
#
_symmetry.space_group_name_H-M   'P 1 21 1'
#
loop_
_entity.id
_entity.type
_entity.pdbx_description
1 polymer 'TYROSINE-PROTEIN KINASE HCK'
2 non-polymer N-(4-{1-[4-(4-ACETYLPIPERAZIN-1-YL)-TRANS-CYCLOHEXYL]-4-AMINO-1H-PYRAZOLO[3,4-D]PYRIMIDIN-3-YL}-2-METHOXYPHENYL)-1-METHYL-1H-INDOLE-2-CARBOXAMIDE
3 non-polymer 'CALCIUM ION'
4 water water
#
_entity_poly.entity_id   1
_entity_poly.type   'polypeptide(L)'
_entity_poly.pdbx_seq_one_letter_code
;GAMGSGIRIIVVALYDYEAIHHEDLSFQKGDQMVVLEESGEWWKARSLATRKEGYIPSNYVARVDSLETEEWFFKGISRK
DAERQLLAPGNMLGSFMIRDSETTKGSYSLSVRDYDPRQGDTVKHYKIRTLDNGGFYISPRSTFSTLQELVDHYKKGNDG
LCQKLSVPCMSSKPQKPWEKDAWEIPRESLKLEKKLGAGQFGEVWMATYNKHTKVAVKTMKPGSMSVEAFLAEANVMKTL
QHDKLVKLHAVVTKEPIYIITEFMAKGSLLDFLKSDEGSKQPLPKLIDFSAQIAEGMAFIEQRNYIHRDLRAANILVSAS
LVCKIADFGLARVIEDNEYTAREGAKFPIKWTAPEAINFGSFTIKSDVWSFGILLMEIVTYGRIPYPGMSNPEVIRALER
GYRMPRPENCPEELYNIMMRCWKNRPEERPTFEYIQSVLDDFYTATESQ(PTR)EEIP
;
_entity_poly.pdbx_strand_id   A,B
#
loop_
_chem_comp.id
_chem_comp.type
_chem_comp.name
_chem_comp.formula
CA non-polymer 'CALCIUM ION' 'Ca 2'
L2G non-polymer N-(4-{1-[4-(4-ACETYLPIPERAZIN-1-YL)-TRANS-CYCLOHEXYL]-4-AMINO-1H-PYRAZOLO[3,4-D]PYRIMIDIN-3-YL}-2-METHOXYPHENYL)-1-METHYL-1H-INDOLE-2-CARBOXAMIDE 'C34 H39 N9 O3'
#
# COMPACT_ATOMS: atom_id res chain seq x y z
N ARG A 8 -16.81 -24.15 -37.68
CA ARG A 8 -18.11 -23.44 -37.42
C ARG A 8 -18.30 -23.08 -35.92
N ILE A 9 -18.59 -21.80 -35.62
CA ILE A 9 -18.68 -21.31 -34.23
C ILE A 9 -19.99 -20.63 -33.83
N ILE A 10 -20.78 -21.32 -33.00
CA ILE A 10 -22.08 -20.81 -32.52
C ILE A 10 -21.97 -20.02 -31.19
N VAL A 11 -22.54 -18.82 -31.20
CA VAL A 11 -22.70 -17.99 -30.00
C VAL A 11 -24.18 -17.80 -29.62
N VAL A 12 -24.44 -17.22 -28.44
CA VAL A 12 -25.79 -16.99 -27.94
C VAL A 12 -25.99 -15.59 -27.35
N ALA A 13 -27.18 -15.05 -27.52
CA ALA A 13 -27.46 -13.67 -27.10
C ALA A 13 -27.63 -13.60 -25.62
N LEU A 14 -26.87 -12.70 -24.98
CA LEU A 14 -27.00 -12.49 -23.54
C LEU A 14 -28.09 -11.48 -23.10
N TYR A 15 -28.49 -10.58 -24.00
CA TYR A 15 -29.52 -9.58 -23.74
C TYR A 15 -30.34 -9.33 -24.98
N ASP A 16 -31.43 -8.60 -24.86
CA ASP A 16 -32.13 -8.13 -26.05
C ASP A 16 -31.29 -7.00 -26.69
N TYR A 17 -31.37 -6.89 -28.03
CA TYR A 17 -30.73 -5.83 -28.81
C TYR A 17 -31.58 -5.44 -30.02
N GLU A 18 -31.95 -4.16 -30.15
CA GLU A 18 -32.72 -3.74 -31.31
C GLU A 18 -31.87 -2.95 -32.29
N ALA A 19 -31.72 -3.42 -33.52
CA ALA A 19 -30.74 -2.87 -34.44
C ALA A 19 -31.06 -1.42 -34.74
N ILE A 20 -30.04 -0.60 -34.95
CA ILE A 20 -30.25 0.82 -35.16
C ILE A 20 -29.42 1.40 -36.32
N HIS A 21 -28.67 0.53 -36.98
CA HIS A 21 -27.82 0.89 -38.10
C HIS A 21 -28.29 0.20 -39.35
N HIS A 22 -27.59 0.45 -40.45
CA HIS A 22 -27.98 -0.10 -41.75
C HIS A 22 -27.95 -1.62 -41.78
N GLU A 23 -26.87 -2.23 -41.29
CA GLU A 23 -26.65 -3.67 -41.50
C GLU A 23 -26.58 -4.55 -40.23
N ASP A 24 -26.96 -4.02 -39.07
CA ASP A 24 -26.87 -4.84 -37.86
C ASP A 24 -28.20 -5.55 -37.63
N LEU A 25 -28.18 -6.62 -36.84
CA LEU A 25 -29.37 -7.44 -36.64
C LEU A 25 -29.99 -7.16 -35.28
N SER A 26 -31.33 -7.12 -35.24
CA SER A 26 -32.03 -7.18 -33.97
C SER A 26 -31.99 -8.64 -33.50
N PHE A 27 -31.88 -8.89 -32.19
CA PHE A 27 -32.08 -10.23 -31.67
C PHE A 27 -32.53 -10.17 -30.22
N GLN A 28 -32.90 -11.33 -29.64
CA GLN A 28 -33.28 -11.38 -28.20
C GLN A 28 -32.48 -12.37 -27.37
N LYS A 29 -32.33 -12.05 -26.08
CA LYS A 29 -31.75 -12.95 -25.10
C LYS A 29 -32.16 -14.36 -25.44
N GLY A 30 -31.17 -15.22 -25.72
CA GLY A 30 -31.47 -16.63 -25.99
C GLY A 30 -31.29 -17.03 -27.43
N ASP A 31 -31.42 -16.04 -28.34
CA ASP A 31 -31.14 -16.18 -29.76
C ASP A 31 -29.74 -16.69 -30.00
N GLN A 32 -29.62 -17.63 -30.93
CA GLN A 32 -28.35 -18.24 -31.23
C GLN A 32 -27.91 -17.75 -32.59
N MET A 33 -26.60 -17.69 -32.83
CA MET A 33 -26.12 -17.19 -34.13
C MET A 33 -24.81 -17.79 -34.54
N VAL A 34 -24.61 -17.93 -35.85
CA VAL A 34 -23.35 -18.45 -36.39
C VAL A 34 -22.42 -17.28 -36.60
N VAL A 35 -21.19 -17.39 -36.11
CA VAL A 35 -20.25 -16.31 -36.30
C VAL A 35 -19.59 -16.44 -37.66
N LEU A 36 -19.64 -15.37 -38.45
CA LEU A 36 -19.07 -15.35 -39.79
C LEU A 36 -17.80 -14.52 -39.89
N GLU A 37 -17.60 -13.62 -38.92
CA GLU A 37 -16.39 -12.76 -38.84
C GLU A 37 -16.16 -12.21 -37.48
N GLU A 38 -14.89 -12.10 -37.10
CA GLU A 38 -14.54 -11.40 -35.87
C GLU A 38 -13.77 -10.12 -36.21
N SER A 39 -14.49 -9.01 -36.29
CA SER A 39 -13.91 -7.74 -36.68
C SER A 39 -13.95 -6.75 -35.51
N GLY A 40 -13.30 -7.15 -34.41
CA GLY A 40 -13.30 -6.37 -33.18
C GLY A 40 -14.68 -6.30 -32.55
N GLU A 41 -15.18 -5.07 -32.43
CA GLU A 41 -16.38 -4.76 -31.65
C GLU A 41 -17.68 -5.24 -32.29
N TRP A 42 -17.69 -5.35 -33.61
CA TRP A 42 -18.84 -5.82 -34.35
C TRP A 42 -18.49 -7.11 -35.06
N TRP A 43 -19.35 -8.11 -34.90
CA TRP A 43 -19.17 -9.41 -35.55
C TRP A 43 -20.22 -9.62 -36.63
N LYS A 44 -19.83 -10.26 -37.73
CA LYS A 44 -20.80 -10.61 -38.76
C LYS A 44 -21.37 -11.94 -38.30
N ALA A 45 -22.69 -12.11 -38.39
CA ALA A 45 -23.35 -13.34 -37.89
C ALA A 45 -24.65 -13.68 -38.58
N ARG A 46 -25.00 -14.95 -38.63
CA ARG A 46 -26.32 -15.34 -39.12
C ARG A 46 -27.20 -15.83 -37.98
N SER A 47 -28.38 -15.24 -37.85
CA SER A 47 -29.29 -15.55 -36.74
C SER A 47 -29.98 -16.84 -36.99
N LEU A 48 -29.82 -17.83 -36.13
CA LEU A 48 -30.51 -19.09 -36.36
C LEU A 48 -32.01 -18.90 -36.27
N ALA A 49 -32.42 -17.89 -35.50
CA ALA A 49 -33.82 -17.50 -35.42
C ALA A 49 -34.38 -16.97 -36.74
N THR A 50 -33.74 -15.92 -37.31
CA THR A 50 -34.25 -15.17 -38.49
C THR A 50 -33.67 -15.57 -39.85
N ARG A 51 -32.43 -16.08 -39.83
CA ARG A 51 -31.67 -16.48 -41.02
C ARG A 51 -31.04 -15.26 -41.71
N LYS A 52 -31.16 -14.12 -41.04
CA LYS A 52 -30.61 -12.86 -41.51
C LYS A 52 -29.10 -12.83 -41.24
N GLU A 53 -28.38 -12.37 -42.24
CA GLU A 53 -26.97 -12.13 -42.07
C GLU A 53 -26.75 -10.64 -41.77
N GLY A 54 -25.91 -10.36 -40.78
CA GLY A 54 -25.73 -8.97 -40.34
C GLY A 54 -24.80 -8.76 -39.18
N TYR A 55 -24.79 -7.55 -38.63
CA TYR A 55 -23.82 -7.27 -37.59
C TYR A 55 -24.39 -7.30 -36.19
N ILE A 56 -23.54 -7.68 -35.24
CA ILE A 56 -23.95 -7.81 -33.85
C ILE A 56 -22.82 -7.35 -32.94
N PRO A 57 -23.13 -6.71 -31.80
CA PRO A 57 -22.11 -6.33 -30.84
C PRO A 57 -21.43 -7.57 -30.23
N SER A 58 -20.11 -7.72 -30.37
CA SER A 58 -19.42 -8.88 -29.76
C SER A 58 -19.62 -9.04 -28.25
N ASN A 59 -19.82 -7.92 -27.56
CA ASN A 59 -20.06 -7.93 -26.12
C ASN A 59 -21.55 -8.23 -25.68
N TYR A 60 -22.44 -8.48 -26.64
CA TYR A 60 -23.81 -8.80 -26.33
C TYR A 60 -24.02 -10.29 -26.47
N VAL A 61 -22.99 -11.01 -26.87
CA VAL A 61 -23.11 -12.45 -27.09
C VAL A 61 -21.86 -13.17 -26.64
N ALA A 62 -22.00 -14.46 -26.33
CA ALA A 62 -20.86 -15.29 -25.94
C ALA A 62 -21.02 -16.74 -26.44
N ARG A 63 -19.93 -17.51 -26.42
CA ARG A 63 -19.94 -18.87 -26.95
C ARG A 63 -20.80 -19.82 -26.15
N VAL A 64 -21.51 -20.65 -26.87
CA VAL A 64 -22.48 -21.59 -26.32
C VAL A 64 -21.98 -22.43 -25.14
N ASP A 65 -22.74 -22.32 -24.05
CA ASP A 65 -22.48 -22.94 -22.73
C ASP A 65 -21.15 -22.63 -22.03
N SER A 66 -20.37 -21.69 -22.58
CA SER A 66 -19.21 -21.18 -21.87
C SER A 66 -19.76 -20.41 -20.68
N LEU A 67 -19.01 -20.35 -19.59
CA LEU A 67 -19.56 -19.83 -18.30
C LEU A 67 -20.26 -18.48 -18.42
N GLU A 68 -19.83 -17.71 -19.41
CA GLU A 68 -20.29 -16.34 -19.61
C GLU A 68 -21.77 -16.31 -19.94
N THR A 69 -22.30 -17.45 -20.37
CA THR A 69 -23.74 -17.56 -20.62
C THR A 69 -24.56 -17.63 -19.32
N GLU A 70 -23.91 -18.00 -18.21
CA GLU A 70 -24.57 -18.08 -16.92
C GLU A 70 -24.84 -16.72 -16.32
N GLU A 71 -25.99 -16.65 -15.67
CA GLU A 71 -26.55 -15.41 -15.18
C GLU A 71 -25.74 -14.89 -14.00
N TRP A 72 -25.14 -15.82 -13.26
CA TRP A 72 -24.39 -15.48 -12.07
C TRP A 72 -22.90 -15.27 -12.33
N PHE A 73 -22.49 -15.45 -13.58
CA PHE A 73 -21.05 -15.35 -13.90
C PHE A 73 -20.63 -14.02 -14.52
N PHE A 74 -19.48 -13.49 -14.14
CA PHE A 74 -19.06 -12.21 -14.70
C PHE A 74 -17.61 -12.24 -15.09
N LYS A 75 -17.32 -12.06 -16.38
CA LYS A 75 -15.97 -12.17 -16.88
C LYS A 75 -15.20 -10.86 -16.70
N GLY A 76 -13.96 -10.97 -16.21
CA GLY A 76 -13.01 -9.86 -16.25
C GLY A 76 -13.36 -8.78 -15.25
N ILE A 77 -14.00 -9.19 -14.15
CA ILE A 77 -14.35 -8.26 -13.10
C ILE A 77 -13.31 -8.36 -11.97
N SER A 78 -12.69 -7.22 -11.67
CA SER A 78 -11.87 -7.12 -10.48
C SER A 78 -12.70 -7.20 -9.19
N ARG A 79 -12.01 -7.43 -8.08
CA ARG A 79 -12.62 -7.58 -6.79
C ARG A 79 -13.38 -6.33 -6.39
N LYS A 80 -12.88 -5.17 -6.83
CA LYS A 80 -13.46 -3.93 -6.38
C LYS A 80 -14.65 -3.53 -7.22
N ASP A 81 -14.70 -4.00 -8.48
CA ASP A 81 -15.86 -3.74 -9.35
C ASP A 81 -16.96 -4.67 -8.89
N ALA A 82 -16.59 -5.89 -8.52
CA ALA A 82 -17.56 -6.84 -8.05
C ALA A 82 -18.25 -6.28 -6.83
N GLU A 83 -17.48 -5.56 -6.03
CA GLU A 83 -18.03 -4.90 -4.85
C GLU A 83 -18.94 -3.74 -5.25
N ARG A 84 -18.49 -2.92 -6.19
CA ARG A 84 -19.29 -1.79 -6.67
C ARG A 84 -20.55 -2.26 -7.32
N GLN A 85 -20.44 -3.25 -8.21
CA GLN A 85 -21.64 -3.76 -8.88
C GLN A 85 -22.62 -4.28 -7.85
N LEU A 86 -22.16 -5.14 -6.95
CA LEU A 86 -23.03 -5.68 -5.91
C LEU A 86 -23.71 -4.65 -5.03
N LEU A 87 -22.96 -3.63 -4.60
CA LEU A 87 -23.55 -2.60 -3.74
C LEU A 87 -24.53 -1.65 -4.48
N ALA A 88 -24.60 -1.76 -5.80
CA ALA A 88 -25.40 -0.86 -6.63
C ALA A 88 -26.88 -1.06 -6.39
N PRO A 89 -27.68 -0.01 -6.59
CA PRO A 89 -29.16 -0.16 -6.55
C PRO A 89 -29.65 -1.37 -7.33
N GLY A 90 -30.54 -2.14 -6.72
CA GLY A 90 -31.20 -3.24 -7.44
C GLY A 90 -30.65 -4.58 -7.03
N ASN A 91 -29.71 -4.58 -6.09
CA ASN A 91 -29.24 -5.82 -5.48
C ASN A 91 -29.72 -5.87 -4.07
N MET A 92 -29.56 -6.99 -3.40
CA MET A 92 -30.10 -7.10 -2.08
C MET A 92 -29.21 -8.00 -1.27
N LEU A 93 -29.62 -8.29 -0.03
CA LEU A 93 -28.89 -9.19 0.84
C LEU A 93 -28.83 -10.57 0.18
N GLY A 94 -27.61 -11.09 0.07
CA GLY A 94 -27.40 -12.41 -0.48
C GLY A 94 -27.11 -12.43 -1.96
N SER A 95 -27.11 -11.26 -2.60
CA SER A 95 -26.80 -11.14 -4.04
C SER A 95 -25.35 -11.57 -4.26
N PHE A 96 -25.06 -12.15 -5.41
CA PHE A 96 -23.75 -12.78 -5.59
C PHE A 96 -23.32 -12.80 -7.03
N MET A 97 -22.02 -13.09 -7.23
CA MET A 97 -21.49 -13.51 -8.54
C MET A 97 -20.26 -14.42 -8.41
N ILE A 98 -19.95 -15.17 -9.46
CA ILE A 98 -18.69 -15.88 -9.54
C ILE A 98 -18.01 -15.15 -10.63
N ARG A 99 -16.68 -15.02 -10.51
CA ARG A 99 -15.92 -14.15 -11.41
C ARG A 99 -14.45 -14.55 -11.53
N ASP A 100 -13.73 -13.89 -12.43
CA ASP A 100 -12.32 -14.24 -12.64
C ASP A 100 -11.50 -13.69 -11.50
N SER A 101 -10.91 -14.61 -10.74
CA SER A 101 -10.12 -14.28 -9.57
C SER A 101 -8.98 -13.43 -10.05
N GLU A 102 -8.82 -12.28 -9.43
CA GLU A 102 -7.93 -11.25 -9.94
C GLU A 102 -6.52 -11.62 -9.65
N THR A 103 -6.28 -12.12 -8.43
CA THR A 103 -4.93 -12.40 -7.95
C THR A 103 -4.60 -13.89 -7.94
N THR A 104 -5.36 -14.69 -8.69
CA THR A 104 -5.03 -16.11 -8.93
C THR A 104 -5.44 -16.43 -10.36
N LYS A 105 -4.57 -16.13 -11.33
CA LYS A 105 -4.95 -16.37 -12.73
C LYS A 105 -5.54 -17.77 -12.97
N GLY A 106 -6.48 -17.84 -13.90
CA GLY A 106 -7.11 -19.09 -14.32
C GLY A 106 -8.03 -19.68 -13.26
N SER A 107 -8.41 -18.86 -12.29
CA SER A 107 -9.25 -19.33 -11.21
C SER A 107 -10.41 -18.38 -10.95
N TYR A 108 -11.26 -18.72 -9.98
CA TYR A 108 -12.54 -18.01 -9.77
C TYR A 108 -12.80 -17.58 -8.34
N SER A 109 -13.67 -16.60 -8.19
CA SER A 109 -14.00 -16.13 -6.86
C SER A 109 -15.50 -15.82 -6.68
N LEU A 110 -15.98 -16.09 -5.47
CA LEU A 110 -17.34 -15.82 -5.10
C LEU A 110 -17.45 -14.46 -4.41
N SER A 111 -18.37 -13.63 -4.85
CA SER A 111 -18.66 -12.44 -4.07
C SER A 111 -20.10 -12.45 -3.57
N VAL A 112 -20.27 -12.26 -2.27
CA VAL A 112 -21.59 -12.25 -1.70
C VAL A 112 -21.88 -10.95 -0.98
N ARG A 113 -23.01 -10.34 -1.34
CA ARG A 113 -23.54 -9.23 -0.57
C ARG A 113 -24.06 -9.66 0.83
N ASP A 114 -23.58 -8.98 1.87
CA ASP A 114 -23.89 -9.31 3.26
C ASP A 114 -24.17 -8.01 4.01
N TYR A 115 -24.74 -8.14 5.20
CA TYR A 115 -24.92 -6.99 6.03
C TYR A 115 -24.20 -7.28 7.33
N ASP A 116 -23.65 -6.23 7.90
CA ASP A 116 -22.85 -6.30 9.08
C ASP A 116 -23.52 -5.41 10.13
N PRO A 117 -23.75 -5.95 11.32
CA PRO A 117 -24.35 -5.04 12.29
C PRO A 117 -23.44 -3.84 12.56
N ARG A 118 -22.18 -4.08 12.85
CA ARG A 118 -21.31 -2.99 13.26
C ARG A 118 -20.66 -2.21 12.09
N GLN A 119 -21.16 -2.36 10.86
CA GLN A 119 -20.68 -1.58 9.68
C GLN A 119 -21.71 -1.40 8.52
N GLY A 120 -22.75 -2.23 8.48
CA GLY A 120 -23.75 -2.16 7.40
C GLY A 120 -23.51 -3.05 6.19
N ASP A 121 -23.97 -2.60 5.03
CA ASP A 121 -23.82 -3.32 3.77
C ASP A 121 -22.38 -3.52 3.29
N THR A 122 -21.96 -4.78 3.13
CA THR A 122 -20.61 -5.13 2.67
C THR A 122 -20.66 -6.16 1.58
N VAL A 123 -19.49 -6.48 1.01
CA VAL A 123 -19.35 -7.61 0.11
C VAL A 123 -18.21 -8.48 0.63
N LYS A 124 -18.39 -9.80 0.63
CA LYS A 124 -17.34 -10.72 1.09
C LYS A 124 -16.86 -11.56 -0.08
N HIS A 125 -15.58 -11.94 -0.07
CA HIS A 125 -15.06 -12.67 -1.23
C HIS A 125 -14.48 -13.97 -0.75
N TYR A 126 -14.72 -15.02 -1.52
CA TYR A 126 -14.24 -16.35 -1.19
C TYR A 126 -13.52 -16.81 -2.39
N LYS A 127 -12.35 -17.43 -2.20
CA LYS A 127 -11.68 -18.07 -3.31
C LYS A 127 -12.45 -19.34 -3.61
N ILE A 128 -12.62 -19.64 -4.89
CA ILE A 128 -13.11 -20.96 -5.29
C ILE A 128 -11.91 -21.81 -5.64
N ARG A 129 -11.83 -23.00 -5.05
CA ARG A 129 -10.64 -23.82 -5.15
C ARG A 129 -10.78 -24.92 -6.17
N THR A 130 -9.72 -25.11 -6.95
CA THR A 130 -9.67 -26.14 -8.00
C THR A 130 -8.24 -26.37 -8.51
N LEU A 131 -7.71 -27.58 -8.32
CA LEU A 131 -6.35 -27.93 -8.80
C LEU A 131 -6.48 -28.69 -10.10
N ASP A 132 -6.35 -30.01 -10.00
CA ASP A 132 -6.75 -30.91 -11.06
C ASP A 132 -8.09 -31.52 -10.61
N ASN A 133 -8.20 -32.85 -10.69
CA ASN A 133 -9.46 -33.58 -10.54
C ASN A 133 -10.59 -33.07 -11.48
N GLY A 134 -10.95 -31.80 -11.33
CA GLY A 134 -11.94 -31.14 -12.18
C GLY A 134 -12.88 -30.22 -11.43
N GLY A 135 -13.37 -30.71 -10.29
CA GLY A 135 -14.39 -30.00 -9.52
C GLY A 135 -13.89 -28.82 -8.71
N PHE A 136 -14.82 -28.27 -7.92
CA PHE A 136 -14.59 -27.05 -7.17
C PHE A 136 -15.11 -27.21 -5.75
N TYR A 137 -14.46 -26.52 -4.83
CA TYR A 137 -14.91 -26.37 -3.44
C TYR A 137 -14.45 -25.02 -2.91
N ILE A 138 -15.09 -24.53 -1.85
CA ILE A 138 -14.52 -23.40 -1.10
C ILE A 138 -14.03 -23.89 0.24
N SER A 139 -14.68 -24.90 0.78
CA SER A 139 -14.14 -25.61 1.93
C SER A 139 -14.08 -27.11 1.59
N PRO A 140 -12.93 -27.75 1.91
CA PRO A 140 -12.53 -29.09 1.42
C PRO A 140 -13.49 -30.21 1.77
N ARG A 141 -14.39 -29.96 2.72
CA ARG A 141 -15.40 -30.96 3.05
C ARG A 141 -16.60 -30.91 2.09
N SER A 142 -16.72 -29.83 1.31
CA SER A 142 -17.85 -29.69 0.38
C SER A 142 -17.47 -29.50 -1.11
N THR A 143 -17.49 -30.62 -1.83
CA THR A 143 -17.02 -30.70 -3.20
C THR A 143 -18.20 -30.70 -4.21
N PHE A 144 -17.98 -29.98 -5.31
CA PHE A 144 -18.95 -29.89 -6.43
C PHE A 144 -18.26 -30.10 -7.77
N SER A 145 -18.93 -30.81 -8.68
CA SER A 145 -18.34 -31.14 -9.97
C SER A 145 -18.44 -29.98 -10.95
N THR A 146 -19.46 -29.15 -10.79
CA THR A 146 -19.54 -27.88 -11.52
C THR A 146 -19.83 -26.68 -10.64
N LEU A 147 -19.56 -25.50 -11.20
CA LEU A 147 -19.87 -24.25 -10.54
C LEU A 147 -21.36 -24.13 -10.34
N GLN A 148 -22.14 -24.70 -11.26
CA GLN A 148 -23.58 -24.60 -11.11
C GLN A 148 -24.04 -25.29 -9.81
N GLU A 149 -23.55 -26.50 -9.57
CA GLU A 149 -23.93 -27.18 -8.34
C GLU A 149 -23.45 -26.38 -7.12
N LEU A 150 -22.28 -25.78 -7.23
CA LEU A 150 -21.73 -25.03 -6.11
C LEU A 150 -22.75 -24.00 -5.62
N VAL A 151 -23.25 -23.20 -6.56
CA VAL A 151 -24.22 -22.17 -6.20
C VAL A 151 -25.56 -22.74 -5.73
N ASP A 152 -26.00 -23.87 -6.29
CA ASP A 152 -27.28 -24.44 -5.85
C ASP A 152 -27.22 -24.86 -4.40
N HIS A 153 -26.03 -25.19 -3.91
CA HIS A 153 -25.89 -25.60 -2.53
C HIS A 153 -25.99 -24.39 -1.62
N TYR A 154 -25.13 -23.41 -1.85
CA TYR A 154 -25.08 -22.24 -1.00
C TYR A 154 -26.34 -21.35 -1.14
N LYS A 155 -27.26 -21.76 -2.02
CA LYS A 155 -28.50 -21.03 -2.25
C LYS A 155 -29.54 -21.53 -1.23
N LYS A 156 -29.42 -22.81 -0.90
CA LYS A 156 -30.26 -23.52 0.06
C LYS A 156 -29.48 -23.62 1.36
N GLY A 157 -29.49 -22.55 2.15
CA GLY A 157 -28.62 -22.46 3.36
C GLY A 157 -27.13 -22.17 3.08
N ASN A 158 -26.54 -21.21 3.83
CA ASN A 158 -25.08 -21.06 3.84
C ASN A 158 -24.50 -22.17 4.70
N ASP A 159 -23.52 -22.85 4.14
CA ASP A 159 -22.85 -23.93 4.85
C ASP A 159 -21.41 -23.44 4.95
N GLY A 160 -21.24 -22.57 5.94
CA GLY A 160 -19.96 -21.92 6.19
C GLY A 160 -20.13 -20.43 6.11
N LEU A 161 -20.47 -19.95 4.91
CA LEU A 161 -20.35 -18.54 4.49
C LEU A 161 -21.10 -17.53 5.33
N CYS A 162 -20.65 -16.27 5.25
CA CYS A 162 -21.25 -15.11 5.91
C CYS A 162 -22.67 -14.71 5.49
N GLN A 163 -23.07 -15.19 4.32
CA GLN A 163 -24.44 -15.08 3.83
C GLN A 163 -24.81 -16.21 2.87
N LYS A 164 -26.08 -16.58 2.82
CA LYS A 164 -26.53 -17.57 1.84
C LYS A 164 -26.92 -16.84 0.56
N LEU A 165 -26.78 -17.51 -0.58
CA LEU A 165 -26.94 -16.87 -1.87
C LEU A 165 -28.39 -16.80 -2.26
N SER A 166 -28.91 -15.59 -2.48
CA SER A 166 -30.22 -15.47 -3.11
C SER A 166 -30.11 -15.52 -4.63
N VAL A 167 -30.45 -14.40 -5.27
CA VAL A 167 -30.41 -14.23 -6.72
C VAL A 167 -29.04 -13.65 -7.20
N PRO A 168 -28.62 -13.92 -8.48
CA PRO A 168 -27.41 -13.31 -9.03
C PRO A 168 -27.44 -11.80 -9.05
N CYS A 169 -26.26 -11.22 -9.20
CA CYS A 169 -26.11 -9.77 -9.23
C CYS A 169 -26.83 -9.26 -10.43
N MET A 170 -27.53 -8.16 -10.27
CA MET A 170 -28.27 -7.56 -11.39
C MET A 170 -27.28 -6.91 -12.33
N SER A 171 -27.71 -6.67 -13.56
CA SER A 171 -26.87 -5.98 -14.54
C SER A 171 -27.68 -5.54 -15.73
N SER A 172 -27.45 -4.30 -16.14
CA SER A 172 -28.09 -3.79 -17.34
C SER A 172 -27.28 -4.14 -18.58
N LYS A 173 -27.84 -3.76 -19.71
CA LYS A 173 -27.23 -3.93 -20.99
C LYS A 173 -25.93 -3.15 -21.00
N PRO A 174 -24.88 -3.74 -21.59
CA PRO A 174 -23.69 -3.00 -21.89
C PRO A 174 -24.06 -1.82 -22.77
N GLN A 175 -23.32 -0.72 -22.63
CA GLN A 175 -23.36 0.36 -23.59
C GLN A 175 -23.16 -0.36 -24.89
N LYS A 176 -23.86 0.05 -25.95
CA LYS A 176 -23.59 -0.54 -27.24
C LYS A 176 -22.31 0.07 -27.81
N PRO A 177 -21.54 -0.73 -28.55
CA PRO A 177 -20.33 -0.18 -29.11
C PRO A 177 -20.64 0.84 -30.19
N TRP A 178 -19.66 1.67 -30.51
CA TRP A 178 -19.86 2.72 -31.48
C TRP A 178 -19.99 2.01 -32.80
N GLU A 179 -20.63 2.66 -33.76
CA GLU A 179 -20.69 2.17 -35.14
C GLU A 179 -19.36 1.71 -35.79
N LYS A 180 -19.43 0.58 -36.46
CA LYS A 180 -18.30 0.04 -37.21
C LYS A 180 -17.77 1.07 -38.19
N ASP A 181 -16.45 1.15 -38.32
CA ASP A 181 -15.79 1.97 -39.36
C ASP A 181 -16.36 3.40 -39.39
N ALA A 182 -16.42 4.03 -38.21
CA ALA A 182 -17.01 5.37 -38.06
C ALA A 182 -16.20 6.26 -37.14
N TRP A 183 -14.88 6.24 -37.30
CA TRP A 183 -14.01 7.14 -36.57
C TRP A 183 -14.21 8.57 -37.10
N GLU A 184 -14.31 8.72 -38.42
CA GLU A 184 -14.53 10.05 -38.99
C GLU A 184 -15.92 10.14 -39.59
N ILE A 185 -16.70 11.08 -39.12
CA ILE A 185 -18.11 11.08 -39.43
C ILE A 185 -18.46 12.45 -40.02
N PRO A 186 -19.48 12.49 -40.89
CA PRO A 186 -19.73 13.78 -41.50
C PRO A 186 -20.53 14.61 -40.51
N ARG A 187 -20.37 15.93 -40.53
CA ARG A 187 -21.14 16.79 -39.61
C ARG A 187 -22.67 16.56 -39.69
N GLU A 188 -23.13 16.23 -40.91
CA GLU A 188 -24.53 15.96 -41.28
C GLU A 188 -25.12 14.95 -40.33
N SER A 189 -24.26 14.10 -39.80
CA SER A 189 -24.72 12.96 -38.97
C SER A 189 -25.12 13.38 -37.55
N LEU A 190 -24.88 14.63 -37.21
CA LEU A 190 -25.13 15.13 -35.88
C LEU A 190 -26.19 16.26 -35.86
N LYS A 191 -26.96 16.27 -34.76
CA LYS A 191 -27.88 17.37 -34.44
C LYS A 191 -27.48 17.79 -33.07
N LEU A 192 -26.74 18.91 -32.95
CA LEU A 192 -26.33 19.40 -31.62
C LEU A 192 -27.48 20.17 -30.99
N GLU A 193 -28.14 19.50 -30.05
CA GLU A 193 -29.42 19.89 -29.49
C GLU A 193 -29.36 20.85 -28.30
N LYS A 194 -28.39 20.73 -27.41
CA LYS A 194 -28.40 21.66 -26.30
C LYS A 194 -27.02 21.94 -25.74
N LYS A 195 -26.70 23.25 -25.71
CA LYS A 195 -25.39 23.78 -25.34
C LYS A 195 -25.19 23.65 -23.86
N LEU A 196 -24.16 22.93 -23.43
CA LEU A 196 -24.05 22.64 -22.03
C LEU A 196 -23.09 23.58 -21.41
N GLY A 197 -22.04 23.92 -22.14
CA GLY A 197 -20.98 24.75 -21.61
C GLY A 197 -20.28 25.40 -22.77
N ALA A 198 -19.47 26.39 -22.46
CA ALA A 198 -18.89 27.27 -23.44
C ALA A 198 -17.73 27.97 -22.75
N GLY A 199 -16.52 27.75 -23.27
CA GLY A 199 -15.29 28.28 -22.69
C GLY A 199 -14.47 29.04 -23.72
N GLN A 200 -13.21 29.24 -23.40
CA GLN A 200 -12.31 29.98 -24.25
C GLN A 200 -12.08 29.18 -25.54
N PHE A 201 -12.19 27.86 -25.44
CA PHE A 201 -11.64 26.97 -26.48
C PHE A 201 -12.61 26.33 -27.44
N GLY A 202 -13.85 26.19 -26.99
CA GLY A 202 -14.91 25.58 -27.76
C GLY A 202 -16.14 25.56 -26.88
N GLU A 203 -17.10 24.71 -27.24
CA GLU A 203 -18.34 24.53 -26.52
C GLU A 203 -18.60 23.06 -26.34
N VAL A 204 -19.51 22.71 -25.44
CA VAL A 204 -19.92 21.31 -25.30
C VAL A 204 -21.42 21.28 -25.40
N TRP A 205 -21.94 20.44 -26.29
CA TRP A 205 -23.36 20.28 -26.52
C TRP A 205 -23.77 18.84 -26.25
N MET A 206 -25.03 18.69 -25.82
CA MET A 206 -25.70 17.42 -25.94
C MET A 206 -26.23 17.34 -27.38
N ALA A 207 -25.87 16.24 -28.07
CA ALA A 207 -26.27 16.01 -29.45
C ALA A 207 -26.76 14.57 -29.68
N THR A 208 -27.19 14.32 -30.93
CA THR A 208 -27.67 13.04 -31.36
C THR A 208 -26.83 12.69 -32.57
N TYR A 209 -26.49 11.40 -32.68
CA TYR A 209 -25.85 10.81 -33.84
C TYR A 209 -26.83 9.87 -34.52
N ASN A 210 -27.22 10.27 -35.72
CA ASN A 210 -28.08 9.49 -36.61
C ASN A 210 -29.39 9.06 -36.01
N LYS A 211 -30.06 9.99 -35.34
CA LYS A 211 -31.35 9.79 -34.66
C LYS A 211 -31.28 8.92 -33.42
N HIS A 212 -30.58 7.78 -33.43
N HIS A 212 -30.40 7.93 -33.46
CA HIS A 212 -30.70 6.87 -32.26
CA HIS A 212 -30.43 6.79 -32.55
C HIS A 212 -29.48 6.76 -31.31
C HIS A 212 -29.58 6.84 -31.27
N THR A 213 -28.70 7.83 -31.13
CA THR A 213 -27.63 7.74 -30.13
C THR A 213 -27.32 9.08 -29.52
N LYS A 214 -27.37 9.17 -28.18
CA LYS A 214 -27.17 10.43 -27.45
C LYS A 214 -25.66 10.57 -27.22
N VAL A 215 -25.09 11.72 -27.57
CA VAL A 215 -23.65 11.93 -27.39
C VAL A 215 -23.41 13.34 -26.89
N ALA A 216 -22.25 13.55 -26.27
CA ALA A 216 -21.73 14.88 -26.01
C ALA A 216 -20.80 15.27 -27.20
N VAL A 217 -20.79 16.55 -27.56
CA VAL A 217 -19.91 17.00 -28.63
C VAL A 217 -19.12 18.21 -28.20
N LYS A 218 -17.80 18.11 -28.22
CA LYS A 218 -16.97 19.29 -28.02
C LYS A 218 -16.59 19.84 -29.37
N THR A 219 -16.88 21.12 -29.56
CA THR A 219 -16.60 21.83 -30.80
C THR A 219 -15.47 22.80 -30.53
N MET A 220 -14.44 22.81 -31.37
CA MET A 220 -13.23 23.60 -31.06
C MET A 220 -13.14 24.92 -31.81
N LYS A 221 -12.91 26.02 -31.08
CA LYS A 221 -12.51 27.27 -31.72
C LYS A 221 -11.13 27.02 -32.34
N PRO A 222 -10.96 27.40 -33.64
CA PRO A 222 -9.68 27.24 -34.35
C PRO A 222 -8.52 28.07 -33.76
N GLY A 223 -7.64 27.41 -33.01
CA GLY A 223 -6.43 28.05 -32.45
C GLY A 223 -5.20 28.01 -33.35
N SER A 224 -4.01 28.16 -32.75
CA SER A 224 -2.72 28.08 -33.46
C SER A 224 -2.37 26.61 -33.67
N MET A 225 -2.85 25.81 -32.72
CA MET A 225 -3.06 24.36 -32.84
C MET A 225 -3.56 24.01 -34.24
N SER A 226 -2.73 23.32 -34.99
CA SER A 226 -3.04 22.95 -36.38
C SER A 226 -4.14 21.87 -36.49
N VAL A 227 -4.68 21.68 -37.69
CA VAL A 227 -5.76 20.71 -37.91
C VAL A 227 -5.28 19.26 -37.77
N GLU A 228 -4.30 18.86 -38.60
CA GLU A 228 -3.74 17.49 -38.52
C GLU A 228 -3.08 17.29 -37.17
N ALA A 229 -2.34 18.32 -36.73
CA ALA A 229 -1.67 18.28 -35.44
C ALA A 229 -2.67 17.77 -34.40
N PHE A 230 -3.88 18.30 -34.46
CA PHE A 230 -4.94 18.01 -33.50
C PHE A 230 -5.47 16.59 -33.66
N LEU A 231 -5.75 16.19 -34.89
CA LEU A 231 -6.15 14.82 -35.20
C LEU A 231 -5.12 13.73 -34.84
N ALA A 232 -3.83 14.01 -35.01
CA ALA A 232 -2.78 13.09 -34.59
C ALA A 232 -3.01 12.72 -33.16
N GLU A 233 -3.21 13.75 -32.34
CA GLU A 233 -3.40 13.57 -30.92
C GLU A 233 -4.71 12.82 -30.55
N ALA A 234 -5.80 13.23 -31.17
CA ALA A 234 -7.08 12.55 -31.00
C ALA A 234 -6.94 11.10 -31.38
N ASN A 235 -6.16 10.83 -32.40
CA ASN A 235 -6.04 9.50 -32.95
C ASN A 235 -5.31 8.56 -32.03
N VAL A 236 -4.25 9.05 -31.43
CA VAL A 236 -3.54 8.25 -30.44
C VAL A 236 -4.43 8.07 -29.22
N MET A 237 -5.15 9.13 -28.81
CA MET A 237 -5.96 9.12 -27.59
C MET A 237 -7.07 8.10 -27.65
N LYS A 238 -7.69 7.99 -28.81
CA LYS A 238 -8.75 7.03 -29.02
C LYS A 238 -8.28 5.59 -28.85
N THR A 239 -6.98 5.36 -28.93
CA THR A 239 -6.45 4.02 -28.67
C THR A 239 -6.17 3.79 -27.20
N LEU A 240 -6.09 4.86 -26.42
CA LEU A 240 -5.77 4.71 -24.99
C LEU A 240 -7.03 4.50 -24.19
N GLN A 241 -7.84 3.54 -24.61
CA GLN A 241 -9.12 3.29 -23.97
C GLN A 241 -9.00 2.68 -22.59
N HIS A 242 -9.85 3.13 -21.68
CA HIS A 242 -9.88 2.57 -20.35
C HIS A 242 -11.25 2.88 -19.78
N ASP A 243 -11.70 2.07 -18.84
CA ASP A 243 -13.05 2.20 -18.32
C ASP A 243 -13.25 3.47 -17.59
N LYS A 244 -12.16 4.09 -17.12
CA LYS A 244 -12.27 5.22 -16.23
C LYS A 244 -11.96 6.56 -16.92
N LEU A 245 -11.70 6.48 -18.22
CA LEU A 245 -11.51 7.60 -19.16
C LEU A 245 -12.75 7.72 -20.03
N VAL A 246 -13.26 8.93 -20.23
CA VAL A 246 -14.47 9.11 -21.05
C VAL A 246 -14.32 8.45 -22.44
N LYS A 247 -15.31 7.71 -22.91
CA LYS A 247 -15.23 7.00 -24.19
C LYS A 247 -15.25 8.00 -25.38
N LEU A 248 -14.17 8.02 -26.15
CA LEU A 248 -13.99 8.98 -27.23
C LEU A 248 -14.43 8.27 -28.53
N HIS A 249 -15.63 8.59 -29.06
CA HIS A 249 -16.28 7.82 -30.13
C HIS A 249 -15.83 8.18 -31.54
N ALA A 250 -15.87 9.45 -31.90
CA ALA A 250 -15.53 9.86 -33.27
C ALA A 250 -15.11 11.31 -33.31
N VAL A 251 -14.65 11.71 -34.49
CA VAL A 251 -14.07 13.03 -34.75
C VAL A 251 -14.65 13.61 -36.04
N VAL A 252 -14.87 14.93 -36.09
CA VAL A 252 -15.19 15.57 -37.38
C VAL A 252 -13.98 16.37 -37.88
N THR A 253 -13.41 15.86 -38.95
CA THR A 253 -12.07 16.26 -39.33
C THR A 253 -11.99 17.70 -39.88
N LYS A 254 -13.08 18.16 -40.47
CA LYS A 254 -13.12 19.42 -41.21
C LYS A 254 -13.49 20.60 -40.31
N GLU A 255 -12.62 21.62 -40.22
CA GLU A 255 -12.84 22.81 -39.36
C GLU A 255 -14.26 23.43 -39.43
N PRO A 256 -14.79 23.89 -38.29
CA PRO A 256 -14.18 23.71 -36.96
C PRO A 256 -14.31 22.24 -36.53
N ILE A 257 -13.31 21.72 -35.83
CA ILE A 257 -13.33 20.33 -35.38
C ILE A 257 -14.41 20.04 -34.34
N TYR A 258 -15.04 18.91 -34.48
CA TYR A 258 -15.97 18.43 -33.47
C TYR A 258 -15.40 17.16 -32.85
N ILE A 259 -15.63 16.96 -31.55
CA ILE A 259 -15.25 15.70 -30.90
C ILE A 259 -16.42 15.06 -30.18
N ILE A 260 -16.64 13.78 -30.49
CA ILE A 260 -17.79 13.06 -29.97
C ILE A 260 -17.35 12.10 -28.88
N THR A 261 -17.89 12.28 -27.69
CA THR A 261 -17.67 11.32 -26.61
C THR A 261 -19.01 10.77 -26.15
N GLU A 262 -18.98 9.68 -25.38
CA GLU A 262 -20.17 9.20 -24.68
C GLU A 262 -20.76 10.32 -23.88
N PHE A 263 -22.05 10.21 -23.58
CA PHE A 263 -22.74 11.22 -22.79
C PHE A 263 -22.86 10.74 -21.36
N MET A 264 -22.51 11.61 -20.44
CA MET A 264 -22.42 11.20 -19.10
C MET A 264 -23.51 11.97 -18.44
N ALA A 265 -24.54 11.24 -18.01
CA ALA A 265 -25.83 11.79 -17.60
C ALA A 265 -25.76 12.82 -16.51
N LYS A 266 -24.81 12.66 -15.60
CA LYS A 266 -24.67 13.59 -14.46
C LYS A 266 -23.63 14.73 -14.63
N GLY A 267 -23.07 14.88 -15.82
CA GLY A 267 -22.12 15.95 -16.08
C GLY A 267 -20.83 15.91 -15.26
N SER A 268 -20.37 17.06 -14.78
CA SER A 268 -19.06 17.14 -14.19
C SER A 268 -19.22 16.79 -12.74
N LEU A 269 -18.17 16.22 -12.17
CA LEU A 269 -18.18 15.82 -10.76
C LEU A 269 -18.42 17.05 -9.90
N LEU A 270 -17.76 18.14 -10.29
CA LEU A 270 -17.92 19.41 -9.61
C LEU A 270 -19.40 19.76 -9.56
N ASP A 271 -20.08 19.60 -10.69
CA ASP A 271 -21.51 19.93 -10.68
C ASP A 271 -22.30 19.03 -9.76
N PHE A 272 -22.00 17.74 -9.82
CA PHE A 272 -22.69 16.75 -9.04
C PHE A 272 -22.55 16.93 -7.52
N LEU A 273 -21.33 17.14 -7.05
CA LEU A 273 -21.14 17.32 -5.62
C LEU A 273 -21.97 18.50 -5.15
N LYS A 274 -22.02 19.54 -5.96
CA LYS A 274 -22.74 20.77 -5.62
C LYS A 274 -24.25 20.54 -5.71
N SER A 275 -24.67 19.67 -6.62
CA SER A 275 -26.06 19.29 -6.75
C SER A 275 -26.65 18.70 -5.49
N ASP A 276 -27.97 18.72 -5.43
CA ASP A 276 -28.70 18.14 -4.34
C ASP A 276 -28.34 16.66 -4.10
N GLU A 277 -28.50 15.82 -5.13
CA GLU A 277 -28.12 14.40 -5.03
C GLU A 277 -26.66 14.25 -4.60
N GLY A 278 -25.80 15.14 -5.09
CA GLY A 278 -24.41 15.19 -4.66
C GLY A 278 -24.36 15.25 -3.16
N SER A 279 -24.87 16.34 -2.58
CA SER A 279 -24.68 16.57 -1.15
C SER A 279 -25.31 15.51 -0.23
N LYS A 280 -26.14 14.63 -0.76
CA LYS A 280 -26.59 13.43 -0.03
C LYS A 280 -25.55 12.28 0.01
N GLN A 281 -24.38 12.45 -0.60
CA GLN A 281 -23.45 11.32 -0.68
C GLN A 281 -22.55 11.13 0.57
N PRO A 282 -22.64 9.95 1.21
CA PRO A 282 -21.76 9.64 2.33
C PRO A 282 -20.28 9.46 1.92
N LEU A 283 -19.41 9.68 2.91
CA LEU A 283 -17.98 9.67 2.72
C LEU A 283 -17.41 8.43 2.04
N PRO A 284 -17.87 7.23 2.49
CA PRO A 284 -17.47 6.02 1.78
C PRO A 284 -17.68 6.08 0.25
N LYS A 285 -18.71 6.81 -0.20
CA LYS A 285 -19.00 6.94 -1.61
C LYS A 285 -18.08 7.96 -2.19
N LEU A 286 -17.88 9.06 -1.47
CA LEU A 286 -16.95 10.07 -1.91
C LEU A 286 -15.51 9.51 -2.12
N ILE A 287 -15.07 8.62 -1.19
CA ILE A 287 -13.76 7.96 -1.34
C ILE A 287 -13.73 7.02 -2.55
N ASP A 288 -14.83 6.32 -2.77
CA ASP A 288 -14.94 5.49 -3.94
C ASP A 288 -14.69 6.26 -5.25
N PHE A 289 -15.29 7.45 -5.34
CA PHE A 289 -15.12 8.28 -6.54
C PHE A 289 -13.66 8.56 -6.67
N SER A 290 -13.05 9.02 -5.58
CA SER A 290 -11.63 9.18 -5.49
C SER A 290 -10.91 7.98 -6.05
N ALA A 291 -11.30 6.78 -5.60
CA ALA A 291 -10.61 5.57 -6.02
C ALA A 291 -10.73 5.37 -7.52
N GLN A 292 -11.89 5.67 -8.09
CA GLN A 292 -12.06 5.45 -9.53
C GLN A 292 -11.19 6.39 -10.37
N ILE A 293 -11.08 7.64 -9.91
CA ILE A 293 -10.21 8.62 -10.52
C ILE A 293 -8.75 8.16 -10.40
N ALA A 294 -8.29 7.88 -9.17
CA ALA A 294 -7.00 7.20 -8.97
C ALA A 294 -6.76 6.00 -9.90
N GLU A 295 -7.79 5.21 -10.16
CA GLU A 295 -7.64 4.10 -11.09
C GLU A 295 -7.41 4.53 -12.54
N GLY A 296 -8.14 5.52 -13.04
CA GLY A 296 -7.86 6.03 -14.36
C GLY A 296 -6.48 6.65 -14.41
N MET A 297 -6.11 7.41 -13.39
CA MET A 297 -4.82 8.06 -13.39
C MET A 297 -3.71 7.05 -13.26
N ALA A 298 -3.95 5.94 -12.57
CA ALA A 298 -2.96 4.86 -12.51
C ALA A 298 -2.66 4.29 -13.91
N PHE A 299 -3.69 4.23 -14.76
CA PHE A 299 -3.53 3.75 -16.13
C PHE A 299 -2.68 4.72 -17.00
N ILE A 300 -3.00 6.01 -16.90
CA ILE A 300 -2.25 7.03 -17.61
C ILE A 300 -0.79 6.95 -17.17
N GLU A 301 -0.62 6.93 -15.85
CA GLU A 301 0.69 6.76 -15.22
C GLU A 301 1.48 5.57 -15.83
N GLN A 302 0.81 4.44 -16.03
CA GLN A 302 1.53 3.25 -16.38
C GLN A 302 2.01 3.35 -17.83
N ARG A 303 1.35 4.20 -18.60
CA ARG A 303 1.65 4.35 -20.01
C ARG A 303 2.55 5.56 -20.24
N ASN A 304 3.07 6.11 -19.14
CA ASN A 304 4.00 7.24 -19.21
C ASN A 304 3.41 8.52 -19.80
N TYR A 305 2.08 8.62 -19.78
CA TYR A 305 1.45 9.89 -20.13
C TYR A 305 1.32 10.80 -18.90
N ILE A 306 0.51 11.84 -19.04
CA ILE A 306 0.38 12.89 -18.05
C ILE A 306 -0.96 13.52 -18.40
N HIS A 307 -1.76 13.88 -17.39
CA HIS A 307 -3.01 14.50 -17.72
C HIS A 307 -2.92 16.02 -17.88
N ARG A 308 -2.32 16.73 -16.92
CA ARG A 308 -2.12 18.21 -16.98
C ARG A 308 -3.22 19.10 -16.43
N ASP A 309 -4.45 18.60 -16.40
CA ASP A 309 -5.53 19.42 -15.88
C ASP A 309 -6.55 18.60 -15.06
N LEU A 310 -6.03 17.99 -14.00
CA LEU A 310 -6.87 17.25 -13.08
C LEU A 310 -7.63 18.21 -12.20
N ARG A 311 -8.92 17.94 -12.00
CA ARG A 311 -9.81 18.67 -11.09
C ARG A 311 -11.21 18.27 -11.40
N ALA A 312 -12.09 18.48 -10.43
CA ALA A 312 -13.41 17.88 -10.42
C ALA A 312 -14.19 18.29 -11.65
N ALA A 313 -13.87 19.47 -12.17
CA ALA A 313 -14.51 19.96 -13.38
C ALA A 313 -14.10 19.19 -14.64
N ASN A 314 -13.10 18.33 -14.56
CA ASN A 314 -12.75 17.50 -15.71
C ASN A 314 -12.90 16.00 -15.41
N ILE A 315 -13.86 15.68 -14.53
CA ILE A 315 -14.25 14.31 -14.24
C ILE A 315 -15.70 14.29 -14.52
N LEU A 316 -16.19 13.30 -15.25
CA LEU A 316 -17.63 13.21 -15.54
C LEU A 316 -18.21 12.02 -14.83
N VAL A 317 -19.49 12.09 -14.54
CA VAL A 317 -20.15 11.10 -13.70
C VAL A 317 -21.31 10.46 -14.51
N SER A 318 -21.36 9.14 -14.62
CA SER A 318 -22.46 8.55 -15.37
C SER A 318 -23.73 8.54 -14.52
N ALA A 319 -24.85 8.17 -15.15
CA ALA A 319 -26.08 7.95 -14.44
C ALA A 319 -25.90 6.93 -13.33
N SER A 320 -25.03 5.92 -13.49
CA SER A 320 -24.72 4.95 -12.41
C SER A 320 -23.81 5.49 -11.36
N LEU A 321 -23.41 6.75 -11.44
CA LEU A 321 -22.33 7.23 -10.56
C LEU A 321 -20.97 6.55 -10.80
N VAL A 322 -20.70 6.09 -12.03
CA VAL A 322 -19.29 5.82 -12.38
C VAL A 322 -18.54 7.14 -12.69
N CYS A 323 -17.28 7.25 -12.25
CA CYS A 323 -16.48 8.44 -12.55
C CYS A 323 -15.55 8.20 -13.70
N LYS A 324 -15.40 9.22 -14.55
CA LYS A 324 -14.56 9.07 -15.71
C LYS A 324 -13.77 10.33 -15.81
N ILE A 325 -12.50 10.18 -16.13
CA ILE A 325 -11.64 11.31 -16.48
C ILE A 325 -11.94 11.80 -17.90
N ALA A 326 -12.19 13.11 -18.03
CA ALA A 326 -12.40 13.74 -19.33
C ALA A 326 -11.13 14.50 -19.75
N ASP A 327 -11.08 14.98 -20.99
CA ASP A 327 -10.06 16.00 -21.37
C ASP A 327 -8.63 15.48 -21.38
N PHE A 328 -8.48 14.18 -21.17
CA PHE A 328 -7.18 13.57 -21.35
C PHE A 328 -6.73 13.72 -22.79
N GLY A 329 -5.62 14.43 -22.99
CA GLY A 329 -5.03 14.54 -24.30
C GLY A 329 -5.30 15.89 -24.89
N LEU A 330 -6.51 16.38 -24.62
CA LEU A 330 -6.89 17.70 -25.02
C LEU A 330 -6.04 18.80 -24.36
N ALA A 331 -5.77 18.62 -23.07
CA ALA A 331 -4.92 19.57 -22.36
C ALA A 331 -3.53 19.60 -22.99
N ARG A 332 -3.12 18.49 -23.59
CA ARG A 332 -1.87 18.46 -24.37
C ARG A 332 -1.97 19.42 -25.57
N VAL A 333 -2.89 19.15 -26.49
CA VAL A 333 -3.17 20.03 -27.65
C VAL A 333 -3.29 21.56 -27.34
N ILE A 334 -4.00 21.92 -26.26
CA ILE A 334 -4.09 23.30 -25.77
C ILE A 334 -3.00 23.56 -24.72
N PRO A 348 -5.67 27.37 -14.61
CA PRO A 348 -6.23 27.20 -13.28
C PRO A 348 -5.10 26.94 -12.28
N ILE A 349 -4.61 27.98 -11.63
CA ILE A 349 -3.40 27.76 -10.85
C ILE A 349 -3.58 27.04 -9.49
N LYS A 350 -4.80 27.02 -8.95
CA LYS A 350 -5.08 26.37 -7.64
C LYS A 350 -4.88 24.85 -7.55
N TRP A 351 -5.00 24.15 -8.68
CA TRP A 351 -4.75 22.72 -8.75
C TRP A 351 -3.31 22.32 -9.20
N THR A 352 -2.47 23.32 -9.52
CA THR A 352 -1.22 23.07 -10.23
C THR A 352 -0.01 23.11 -9.31
N ALA A 353 0.92 22.17 -9.50
CA ALA A 353 2.06 22.02 -8.62
C ALA A 353 3.08 23.16 -8.80
N PRO A 354 3.78 23.55 -7.72
CA PRO A 354 4.78 24.64 -7.79
C PRO A 354 5.80 24.58 -8.96
N GLU A 355 6.31 23.38 -9.26
CA GLU A 355 7.25 23.17 -10.37
C GLU A 355 6.59 23.57 -11.66
N ALA A 356 5.32 23.18 -11.80
CA ALA A 356 4.54 23.48 -12.97
C ALA A 356 4.19 24.97 -13.06
N ILE A 357 3.81 25.61 -11.96
CA ILE A 357 3.58 27.05 -12.03
C ILE A 357 4.87 27.75 -12.35
N ASN A 358 5.88 27.59 -11.50
CA ASN A 358 7.15 28.34 -11.62
C ASN A 358 8.02 28.13 -12.84
N PHE A 359 8.19 26.88 -13.27
CA PHE A 359 9.10 26.57 -14.38
C PHE A 359 8.40 25.82 -15.49
N GLY A 360 7.13 25.47 -15.25
CA GLY A 360 6.34 24.78 -16.24
C GLY A 360 6.66 23.31 -16.41
N SER A 361 7.15 22.65 -15.35
CA SER A 361 7.51 21.24 -15.47
C SER A 361 6.36 20.35 -15.05
N PHE A 362 5.56 19.95 -16.04
CA PHE A 362 4.44 19.07 -15.80
C PHE A 362 4.89 17.61 -15.95
N THR A 363 4.71 16.80 -14.91
CA THR A 363 4.98 15.37 -14.97
C THR A 363 3.85 14.69 -14.27
N ILE A 364 3.95 13.38 -14.10
CA ILE A 364 2.88 12.63 -13.47
C ILE A 364 2.80 13.01 -11.99
N LYS A 365 3.87 13.64 -11.51
CA LYS A 365 3.99 13.98 -10.11
C LYS A 365 3.28 15.28 -9.88
N SER A 366 3.32 16.17 -10.86
CA SER A 366 2.48 17.37 -10.74
C SER A 366 0.99 16.96 -10.84
N ASP A 367 0.71 15.91 -11.64
CA ASP A 367 -0.63 15.32 -11.69
C ASP A 367 -1.05 14.81 -10.31
N VAL A 368 -0.15 14.12 -9.60
CA VAL A 368 -0.42 13.64 -8.23
C VAL A 368 -0.80 14.77 -7.29
N TRP A 369 -0.13 15.91 -7.41
CA TRP A 369 -0.51 17.12 -6.66
C TRP A 369 -1.94 17.55 -6.93
N SER A 370 -2.29 17.66 -8.19
CA SER A 370 -3.61 18.10 -8.52
C SER A 370 -4.59 17.05 -8.00
N PHE A 371 -4.22 15.78 -8.11
CA PHE A 371 -5.11 14.77 -7.56
C PHE A 371 -5.36 15.09 -6.09
N GLY A 372 -4.31 15.49 -5.39
CA GLY A 372 -4.43 15.93 -4.02
C GLY A 372 -5.50 16.97 -3.79
N ILE A 373 -5.52 17.98 -4.65
CA ILE A 373 -6.50 19.07 -4.56
C ILE A 373 -7.88 18.52 -4.91
N LEU A 374 -7.95 17.55 -5.82
CA LEU A 374 -9.25 17.01 -6.19
C LEU A 374 -9.91 16.28 -5.03
N LEU A 375 -9.10 15.54 -4.29
CA LEU A 375 -9.49 14.89 -3.07
C LEU A 375 -10.10 15.94 -2.19
N MET A 376 -9.39 17.04 -2.01
CA MET A 376 -9.93 18.09 -1.15
C MET A 376 -11.26 18.59 -1.71
N GLU A 377 -11.34 18.81 -3.02
CA GLU A 377 -12.58 19.20 -3.66
C GLU A 377 -13.69 18.21 -3.33
N ILE A 378 -13.43 16.92 -3.51
CA ILE A 378 -14.46 15.90 -3.36
C ILE A 378 -14.96 15.86 -1.93
N VAL A 379 -14.04 15.88 -0.98
CA VAL A 379 -14.36 15.76 0.42
C VAL A 379 -15.11 16.98 0.97
N THR A 380 -15.06 18.08 0.22
CA THR A 380 -15.73 19.33 0.59
C THR A 380 -16.76 19.71 -0.46
N TYR A 381 -17.26 18.72 -1.18
CA TYR A 381 -18.37 18.89 -2.10
C TYR A 381 -18.22 19.98 -3.15
N GLY A 382 -17.02 20.23 -3.61
CA GLY A 382 -16.90 21.15 -4.73
C GLY A 382 -16.63 22.58 -4.32
N ARG A 383 -16.35 22.82 -3.05
CA ARG A 383 -15.91 24.15 -2.63
C ARG A 383 -14.56 24.47 -3.28
N ILE A 384 -14.37 25.71 -3.71
CA ILE A 384 -13.12 26.14 -4.34
C ILE A 384 -11.97 25.75 -3.44
N PRO A 385 -10.86 25.31 -4.04
CA PRO A 385 -9.62 25.22 -3.28
C PRO A 385 -9.20 26.59 -2.76
N TYR A 386 -8.53 26.62 -1.61
CA TYR A 386 -8.01 27.85 -1.00
C TYR A 386 -9.05 28.97 -0.86
N PRO A 387 -10.20 28.71 -0.19
CA PRO A 387 -11.32 29.67 -0.26
C PRO A 387 -10.91 30.97 0.41
N GLY A 388 -11.30 32.10 -0.17
CA GLY A 388 -10.90 33.41 0.33
C GLY A 388 -9.52 33.91 -0.11
N MET A 389 -8.65 33.00 -0.53
CA MET A 389 -7.36 33.41 -1.09
C MET A 389 -7.47 33.64 -2.58
N SER A 390 -6.75 34.63 -3.07
CA SER A 390 -6.66 34.89 -4.51
C SER A 390 -5.55 34.03 -5.05
N ASN A 391 -5.45 33.94 -6.38
CA ASN A 391 -4.31 33.28 -7.04
C ASN A 391 -2.94 33.72 -6.49
N PRO A 392 -2.61 35.04 -6.58
CA PRO A 392 -1.32 35.51 -6.06
C PRO A 392 -1.15 35.18 -4.56
N GLU A 393 -2.16 35.48 -3.76
CA GLU A 393 -2.13 35.11 -2.34
C GLU A 393 -1.69 33.62 -2.19
N VAL A 394 -2.26 32.73 -3.00
CA VAL A 394 -2.02 31.28 -2.89
C VAL A 394 -0.57 30.88 -3.17
N ILE A 395 -0.06 31.36 -4.32
CA ILE A 395 1.31 31.07 -4.77
C ILE A 395 2.36 31.35 -3.68
N ARG A 396 2.16 32.46 -2.95
CA ARG A 396 3.02 32.85 -1.85
C ARG A 396 2.90 31.93 -0.64
N ALA A 397 1.67 31.66 -0.24
CA ALA A 397 1.46 30.80 0.92
C ALA A 397 2.17 29.45 0.70
N LEU A 398 2.05 28.92 -0.51
CA LEU A 398 2.68 27.64 -0.82
C LEU A 398 4.16 27.75 -0.55
N GLU A 399 4.82 28.70 -1.24
CA GLU A 399 6.21 29.03 -1.01
C GLU A 399 6.55 28.91 0.48
N ARG A 400 5.85 29.68 1.33
CA ARG A 400 6.08 29.64 2.79
C ARG A 400 5.65 28.33 3.44
N GLY A 401 5.30 27.32 2.65
CA GLY A 401 5.12 25.96 3.17
C GLY A 401 3.71 25.67 3.65
N TYR A 402 2.79 26.60 3.38
CA TYR A 402 1.39 26.46 3.76
C TYR A 402 0.63 25.38 2.98
N ARG A 403 -0.29 24.73 3.69
CA ARG A 403 -1.24 23.77 3.11
C ARG A 403 -2.63 23.97 3.72
N MET A 404 -3.63 23.48 3.02
CA MET A 404 -5.00 23.61 3.45
C MET A 404 -5.24 22.77 4.70
N PRO A 405 -5.91 23.38 5.69
CA PRO A 405 -6.24 22.71 6.93
C PRO A 405 -7.24 21.61 6.62
N ARG A 406 -7.31 20.62 7.49
CA ARG A 406 -8.19 19.47 7.25
C ARG A 406 -9.66 19.86 7.50
N PRO A 407 -10.52 19.71 6.50
CA PRO A 407 -11.92 19.97 6.77
C PRO A 407 -12.53 18.98 7.74
N GLU A 408 -13.76 19.30 8.15
CA GLU A 408 -14.50 18.65 9.24
C GLU A 408 -14.51 17.14 9.13
N ASN A 409 -15.46 16.71 8.30
CA ASN A 409 -15.77 15.35 7.92
C ASN A 409 -14.66 14.64 7.12
N CYS A 410 -13.44 15.14 7.14
CA CYS A 410 -12.38 14.47 6.42
C CYS A 410 -11.67 13.52 7.37
N PRO A 411 -11.70 12.21 7.11
CA PRO A 411 -10.91 11.30 7.91
C PRO A 411 -9.44 11.72 7.97
N GLU A 412 -8.84 11.54 9.15
CA GLU A 412 -7.43 11.82 9.39
C GLU A 412 -6.53 11.21 8.33
N GLU A 413 -6.73 9.90 8.11
CA GLU A 413 -5.93 9.08 7.18
C GLU A 413 -6.05 9.53 5.71
N LEU A 414 -7.22 10.05 5.34
CA LEU A 414 -7.39 10.63 4.02
C LEU A 414 -6.71 11.98 3.97
N TYR A 415 -6.81 12.76 5.04
CA TYR A 415 -6.01 13.97 5.10
C TYR A 415 -4.52 13.67 4.88
N ASN A 416 -4.01 12.55 5.38
CA ASN A 416 -2.59 12.35 5.15
C ASN A 416 -2.21 11.96 3.72
N ILE A 417 -3.15 11.37 2.98
CA ILE A 417 -2.96 11.08 1.56
C ILE A 417 -2.76 12.42 0.83
N MET A 418 -3.63 13.37 1.13
CA MET A 418 -3.54 14.68 0.53
C MET A 418 -2.17 15.26 0.81
N MET A 419 -1.79 15.27 2.09
CA MET A 419 -0.49 15.83 2.52
C MET A 419 0.68 15.20 1.76
N ARG A 420 0.65 13.88 1.59
CA ARG A 420 1.63 13.15 0.78
C ARG A 420 1.68 13.54 -0.70
N CYS A 421 0.53 13.97 -1.25
CA CYS A 421 0.48 14.47 -2.63
C CYS A 421 1.10 15.84 -2.70
N TRP A 422 0.92 16.61 -1.64
CA TRP A 422 1.43 17.96 -1.64
C TRP A 422 2.84 18.09 -1.09
N LYS A 423 3.66 17.05 -1.27
CA LYS A 423 5.07 17.19 -0.92
C LYS A 423 5.73 18.24 -1.82
N ASN A 424 6.68 19.00 -1.27
CA ASN A 424 7.34 20.02 -2.07
C ASN A 424 8.18 19.36 -3.17
N ARG A 425 8.99 18.41 -2.77
CA ARG A 425 9.73 17.61 -3.70
C ARG A 425 8.80 16.64 -4.44
N PRO A 426 8.79 16.70 -5.78
CA PRO A 426 7.86 15.85 -6.52
C PRO A 426 8.14 14.34 -6.37
N GLU A 427 9.41 13.96 -6.42
CA GLU A 427 9.76 12.55 -6.33
C GLU A 427 9.35 11.89 -5.00
N GLU A 428 8.86 12.68 -4.04
CA GLU A 428 8.41 12.07 -2.78
C GLU A 428 6.90 11.98 -2.66
N ARG A 429 6.21 12.38 -3.72
CA ARG A 429 4.79 12.17 -3.83
C ARG A 429 4.58 10.73 -4.22
N PRO A 430 3.48 10.11 -3.75
CA PRO A 430 3.12 8.72 -4.06
C PRO A 430 2.86 8.49 -5.55
N THR A 431 2.82 7.24 -5.98
CA THR A 431 2.42 6.92 -7.34
C THR A 431 0.93 6.71 -7.33
N PHE A 432 0.30 6.90 -8.47
CA PHE A 432 -1.12 6.67 -8.55
C PHE A 432 -1.40 5.22 -8.23
N GLU A 433 -0.55 4.33 -8.73
CA GLU A 433 -0.71 2.92 -8.44
C GLU A 433 -0.85 2.67 -6.91
N TYR A 434 -0.13 3.47 -6.11
CA TYR A 434 -0.26 3.38 -4.68
C TYR A 434 -1.55 4.06 -4.18
N ILE A 435 -1.70 5.35 -4.46
CA ILE A 435 -2.90 6.03 -4.06
C ILE A 435 -4.10 5.14 -4.37
N GLN A 436 -4.20 4.64 -5.60
CA GLN A 436 -5.37 3.83 -5.98
C GLN A 436 -5.57 2.63 -5.06
N SER A 437 -4.47 1.94 -4.77
CA SER A 437 -4.52 0.73 -3.97
C SER A 437 -4.98 0.98 -2.53
N VAL A 438 -4.55 2.12 -1.97
CA VAL A 438 -4.97 2.54 -0.62
C VAL A 438 -6.43 2.95 -0.61
N LEU A 439 -6.87 3.67 -1.63
CA LEU A 439 -8.23 4.17 -1.62
C LEU A 439 -9.21 3.06 -1.88
N ASP A 440 -8.87 2.19 -2.83
CA ASP A 440 -9.74 1.06 -3.07
C ASP A 440 -10.04 0.30 -1.80
N ASP A 441 -9.06 0.16 -0.93
CA ASP A 441 -9.19 -0.68 0.23
C ASP A 441 -9.17 0.11 1.53
N PHE A 442 -9.61 1.37 1.45
CA PHE A 442 -9.63 2.27 2.57
C PHE A 442 -10.36 1.75 3.83
N TYR A 443 -11.26 0.80 3.69
CA TYR A 443 -12.05 0.37 4.86
C TYR A 443 -11.83 -1.09 5.21
N THR A 444 -10.82 -1.68 4.58
CA THR A 444 -10.51 -3.09 4.71
C THR A 444 -9.03 -3.35 5.05
N ALA A 445 -8.80 -3.93 6.20
CA ALA A 445 -7.49 -4.47 6.49
C ALA A 445 -7.20 -5.53 5.43
N THR A 446 -5.97 -5.54 4.97
CA THR A 446 -5.53 -6.49 3.97
C THR A 446 -5.95 -7.91 4.35
N GLU A 447 -5.57 -8.36 5.54
CA GLU A 447 -5.87 -9.72 6.00
C GLU A 447 -7.33 -10.10 5.78
N SER A 448 -8.18 -9.09 5.62
CA SER A 448 -9.65 -9.27 5.52
C SER A 448 -10.21 -9.28 4.12
N GLN A 449 -9.42 -8.87 3.13
CA GLN A 449 -9.85 -8.83 1.75
C GLN A 449 -10.62 -10.06 1.34
N PTR A 450 -10.00 -11.22 1.48
CA PTR A 450 -10.70 -12.49 1.27
C PTR A 450 -11.01 -13.10 2.62
O PTR A 450 -10.23 -12.98 3.57
CB PTR A 450 -9.90 -13.45 0.37
CG PTR A 450 -10.03 -13.06 -1.07
CD1 PTR A 450 -11.06 -13.55 -1.84
CD2 PTR A 450 -9.18 -12.10 -1.64
CE1 PTR A 450 -11.24 -13.15 -3.15
CE2 PTR A 450 -9.35 -11.69 -2.95
CZ PTR A 450 -10.39 -12.23 -3.71
OH PTR A 450 -10.60 -11.90 -4.88
P PTR A 450 -9.59 -12.22 -6.09
O1P PTR A 450 -10.27 -11.68 -7.28
O2P PTR A 450 -8.24 -11.46 -5.83
O3P PTR A 450 -9.43 -13.76 -6.25
N GLU A 451 -12.15 -13.78 2.68
CA GLU A 451 -12.58 -14.53 3.85
C GLU A 451 -11.97 -15.91 3.81
N GLU A 452 -11.20 -16.25 4.83
CA GLU A 452 -10.78 -17.64 5.07
C GLU A 452 -12.04 -18.41 5.40
N ILE A 453 -12.08 -19.69 5.09
CA ILE A 453 -13.16 -20.52 5.62
C ILE A 453 -12.75 -21.97 5.81
N PRO A 454 -12.70 -22.42 7.09
CA PRO A 454 -12.35 -23.70 7.74
C PRO A 454 -12.48 -25.00 6.90
N ARG B 8 25.99 27.09 29.70
CA ARG B 8 25.85 25.98 30.69
C ARG B 8 24.68 25.09 30.29
N ILE B 9 24.89 23.78 30.27
CA ILE B 9 23.82 22.83 29.91
C ILE B 9 23.66 21.73 30.96
N ILE B 10 22.45 21.60 31.48
CA ILE B 10 22.17 20.62 32.55
C ILE B 10 21.23 19.52 32.08
N VAL B 11 21.68 18.29 32.26
CA VAL B 11 20.92 17.10 31.85
C VAL B 11 20.56 16.22 33.05
N VAL B 12 19.82 15.14 32.82
CA VAL B 12 19.35 14.27 33.91
C VAL B 12 19.20 12.78 33.53
N ALA B 13 19.61 11.92 34.45
CA ALA B 13 19.66 10.49 34.22
C ALA B 13 18.26 9.93 34.15
N LEU B 14 17.95 9.32 33.02
CA LEU B 14 16.67 8.67 32.81
C LEU B 14 16.68 7.27 33.39
N TYR B 15 17.86 6.69 33.57
CA TYR B 15 17.97 5.34 34.11
C TYR B 15 19.18 5.21 35.01
N ASP B 16 19.40 4.01 35.53
CA ASP B 16 20.56 3.75 36.37
C ASP B 16 21.71 3.34 35.48
N TYR B 17 22.94 3.70 35.88
CA TYR B 17 24.14 3.25 35.18
C TYR B 17 25.37 3.07 36.10
N GLU B 18 25.97 1.88 36.03
CA GLU B 18 27.23 1.57 36.70
C GLU B 18 28.35 1.53 35.67
N ALA B 19 29.40 2.32 35.91
CA ALA B 19 30.52 2.42 35.00
C ALA B 19 31.15 1.06 34.80
N ILE B 20 31.49 0.75 33.55
CA ILE B 20 32.22 -0.48 33.25
C ILE B 20 33.55 -0.21 32.52
N HIS B 21 33.89 1.06 32.36
CA HIS B 21 35.08 1.45 31.61
C HIS B 21 36.04 2.24 32.50
N HIS B 22 37.18 2.64 31.95
CA HIS B 22 38.20 3.31 32.77
C HIS B 22 37.66 4.64 33.30
N GLU B 23 37.01 5.40 32.44
CA GLU B 23 36.81 6.81 32.68
C GLU B 23 35.35 7.22 32.74
N ASP B 24 34.44 6.26 32.87
CA ASP B 24 33.02 6.61 32.91
C ASP B 24 32.45 6.73 34.32
N LEU B 25 31.33 7.42 34.40
CA LEU B 25 30.68 7.72 35.67
C LEU B 25 29.56 6.77 35.93
N SER B 26 29.31 6.51 37.20
CA SER B 26 28.14 5.77 37.59
C SER B 26 27.16 6.79 38.10
N PHE B 27 25.88 6.59 37.85
CA PHE B 27 24.88 7.49 38.38
C PHE B 27 23.54 6.80 38.54
N GLN B 28 22.65 7.37 39.34
CA GLN B 28 21.31 6.81 39.49
C GLN B 28 20.31 7.67 38.77
N LYS B 29 19.11 7.11 38.56
CA LYS B 29 17.98 7.84 38.01
C LYS B 29 17.67 9.12 38.79
N GLY B 30 17.72 10.24 38.06
CA GLY B 30 17.40 11.53 38.62
C GLY B 30 18.62 12.40 38.84
N ASP B 31 19.80 11.79 38.73
CA ASP B 31 21.06 12.50 38.92
C ASP B 31 21.22 13.56 37.85
N GLN B 32 21.78 14.70 38.24
CA GLN B 32 21.95 15.83 37.34
C GLN B 32 23.42 16.02 37.03
N MET B 33 23.68 16.49 35.81
CA MET B 33 25.06 16.62 35.34
C MET B 33 25.22 17.76 34.35
N VAL B 34 26.39 18.39 34.40
CA VAL B 34 26.78 19.43 33.45
C VAL B 34 27.53 18.79 32.30
N VAL B 35 27.01 18.93 31.10
CA VAL B 35 27.67 18.40 29.95
C VAL B 35 28.85 19.33 29.70
N LEU B 36 30.03 18.76 29.50
CA LEU B 36 31.22 19.53 29.21
C LEU B 36 31.66 19.29 27.77
N GLU B 37 31.11 18.24 27.15
CA GLU B 37 31.44 17.88 25.78
C GLU B 37 30.41 16.96 25.14
N GLU B 38 30.11 17.17 23.84
CA GLU B 38 29.21 16.25 23.13
C GLU B 38 29.89 15.49 21.97
N SER B 39 30.54 14.39 22.32
CA SER B 39 31.30 13.58 21.38
C SER B 39 30.43 12.44 20.83
N GLY B 40 29.25 12.81 20.33
CA GLY B 40 28.31 11.83 19.83
C GLY B 40 27.73 10.97 20.93
N GLU B 41 28.05 9.67 20.89
CA GLU B 41 27.43 8.66 21.77
C GLU B 41 27.87 8.79 23.23
N TRP B 42 29.09 9.29 23.45
CA TRP B 42 29.61 9.52 24.79
C TRP B 42 29.84 11.01 25.02
N TRP B 43 29.37 11.50 26.15
CA TRP B 43 29.50 12.90 26.49
C TRP B 43 30.40 12.98 27.71
N LYS B 44 31.00 14.15 27.95
CA LYS B 44 31.78 14.34 29.17
C LYS B 44 30.90 15.17 30.08
N ALA B 45 30.76 14.73 31.34
CA ALA B 45 29.84 15.36 32.28
C ALA B 45 30.51 15.52 33.60
N ARG B 46 30.07 16.53 34.36
CA ARG B 46 30.31 16.54 35.81
C ARG B 46 29.01 16.20 36.51
N SER B 47 29.06 15.25 37.43
CA SER B 47 27.88 14.90 38.22
C SER B 47 27.66 15.88 39.38
N LEU B 48 26.48 16.48 39.42
CA LEU B 48 26.14 17.38 40.51
C LEU B 48 26.15 16.72 41.88
N ALA B 49 25.95 15.41 41.89
CA ALA B 49 25.94 14.64 43.13
C ALA B 49 27.36 14.32 43.58
N THR B 50 28.19 13.82 42.67
CA THR B 50 29.53 13.35 43.04
C THR B 50 30.62 14.37 42.85
N ARG B 51 30.42 15.24 41.87
CA ARG B 51 31.43 16.24 41.47
C ARG B 51 32.52 15.58 40.60
N LYS B 52 32.30 14.31 40.25
CA LYS B 52 33.25 13.60 39.41
C LYS B 52 33.06 13.97 37.95
N GLU B 53 34.18 14.26 37.28
CA GLU B 53 34.23 14.44 35.82
C GLU B 53 34.47 13.08 35.15
N GLY B 54 33.74 12.80 34.06
CA GLY B 54 33.77 11.46 33.44
C GLY B 54 32.80 11.32 32.31
N TYR B 55 32.79 10.16 31.65
CA TYR B 55 31.99 10.01 30.41
C TYR B 55 30.71 9.31 30.69
N ILE B 56 29.66 9.73 29.99
CA ILE B 56 28.31 9.17 30.16
C ILE B 56 27.70 8.83 28.79
N PRO B 57 26.82 7.79 28.73
CA PRO B 57 26.18 7.38 27.49
C PRO B 57 25.12 8.38 27.09
N SER B 58 25.31 9.13 26.02
CA SER B 58 24.39 10.25 25.67
C SER B 58 22.92 9.81 25.58
N ASN B 59 22.71 8.50 25.38
CA ASN B 59 21.35 7.93 25.34
C ASN B 59 20.70 7.56 26.70
N TYR B 60 21.36 7.90 27.81
CA TYR B 60 20.82 7.61 29.13
C TYR B 60 20.33 8.87 29.78
N VAL B 61 20.53 10.00 29.11
CA VAL B 61 20.24 11.28 29.71
C VAL B 61 19.44 12.15 28.74
N ALA B 62 19.06 13.35 29.19
CA ALA B 62 18.34 14.34 28.36
C ALA B 62 18.18 15.63 29.14
N ARG B 63 18.02 16.75 28.43
CA ARG B 63 17.91 18.08 29.06
C ARG B 63 16.83 18.17 30.11
N VAL B 64 17.18 18.73 31.26
CA VAL B 64 16.23 18.97 32.36
C VAL B 64 14.89 19.58 31.92
N ASP B 65 13.83 18.91 32.38
CA ASP B 65 12.44 19.26 32.06
C ASP B 65 12.05 19.29 30.58
N SER B 66 12.95 18.84 29.69
CA SER B 66 12.58 18.54 28.30
C SER B 66 11.63 17.34 28.38
N LEU B 67 10.84 17.10 27.35
CA LEU B 67 9.76 16.10 27.46
C LEU B 67 10.25 14.65 27.63
N GLU B 68 11.47 14.35 27.16
CA GLU B 68 12.07 13.04 27.37
C GLU B 68 12.11 12.68 28.82
N THR B 69 12.34 13.69 29.67
CA THR B 69 12.40 13.48 31.11
C THR B 69 11.18 12.76 31.64
N GLU B 70 10.04 12.89 30.96
CA GLU B 70 8.79 12.37 31.45
C GLU B 70 8.67 10.87 31.32
N GLU B 71 7.96 10.25 32.25
CA GLU B 71 7.81 8.80 32.29
C GLU B 71 6.99 8.26 31.12
N TRP B 72 6.10 9.09 30.61
CA TRP B 72 5.11 8.69 29.62
C TRP B 72 5.43 9.26 28.24
N PHE B 73 6.57 9.93 28.11
CA PHE B 73 6.98 10.42 26.78
C PHE B 73 8.09 9.57 26.14
N PHE B 74 7.95 9.21 24.87
CA PHE B 74 8.96 8.40 24.18
C PHE B 74 9.33 9.02 22.86
N LYS B 75 10.55 9.53 22.77
CA LYS B 75 10.98 10.30 21.62
C LYS B 75 11.20 9.42 20.38
N GLY B 76 10.83 9.91 19.20
CA GLY B 76 11.19 9.26 17.93
C GLY B 76 10.77 7.80 17.84
N ILE B 77 9.50 7.57 18.20
CA ILE B 77 8.86 6.26 18.11
C ILE B 77 7.69 6.32 17.08
N SER B 78 7.77 5.42 16.11
CA SER B 78 6.69 5.25 15.14
C SER B 78 5.47 4.60 15.77
N ARG B 79 4.34 4.77 15.09
CA ARG B 79 3.08 4.12 15.40
C ARG B 79 3.21 2.59 15.55
N LYS B 80 4.03 1.98 14.72
CA LYS B 80 4.09 0.54 14.74
C LYS B 80 4.91 0.09 15.94
N ASP B 81 6.11 0.67 16.09
CA ASP B 81 6.96 0.50 17.27
C ASP B 81 6.17 0.68 18.56
N ALA B 82 5.35 1.73 18.59
CA ALA B 82 4.64 2.06 19.77
C ALA B 82 3.60 0.98 20.06
N GLU B 83 2.99 0.48 19.01
CA GLU B 83 2.11 -0.69 19.04
C GLU B 83 2.90 -1.90 19.59
N ARG B 84 4.08 -2.15 19.02
CA ARG B 84 4.89 -3.28 19.40
C ARG B 84 5.29 -3.23 20.86
N GLN B 85 5.73 -2.06 21.31
CA GLN B 85 6.20 -1.88 22.68
C GLN B 85 5.10 -2.06 23.70
N LEU B 86 3.89 -1.68 23.31
CA LEU B 86 2.77 -1.72 24.22
C LEU B 86 2.27 -3.13 24.37
N LEU B 87 2.32 -3.90 23.28
CA LEU B 87 1.84 -5.30 23.32
C LEU B 87 2.89 -6.25 23.90
N ALA B 88 4.01 -5.70 24.39
CA ALA B 88 5.04 -6.50 25.08
C ALA B 88 4.61 -6.89 26.50
N PRO B 89 5.32 -7.84 27.14
CA PRO B 89 4.99 -8.17 28.53
C PRO B 89 5.34 -7.03 29.51
N GLY B 90 4.50 -6.85 30.54
CA GLY B 90 4.72 -5.80 31.54
C GLY B 90 3.73 -4.68 31.37
N ASN B 91 2.91 -4.79 30.34
CA ASN B 91 1.89 -3.81 30.07
C ASN B 91 0.50 -4.41 30.17
N MET B 92 -0.49 -3.61 30.56
CA MET B 92 -1.86 -4.10 30.71
C MET B 92 -2.85 -3.13 30.05
N LEU B 93 -4.15 -3.40 30.23
CA LEU B 93 -5.21 -2.51 29.75
C LEU B 93 -4.91 -1.06 30.16
N GLY B 94 -4.90 -0.16 29.18
CA GLY B 94 -4.66 1.25 29.45
C GLY B 94 -3.22 1.73 29.55
N SER B 95 -2.26 0.81 29.48
CA SER B 95 -0.88 1.23 29.33
C SER B 95 -0.78 2.20 28.12
N PHE B 96 0.04 3.23 28.22
CA PHE B 96 -0.01 4.31 27.25
C PHE B 96 1.32 5.02 27.10
N MET B 97 1.39 5.87 26.07
CA MET B 97 2.54 6.76 25.89
C MET B 97 2.14 7.95 25.07
N ILE B 98 2.93 9.02 25.17
CA ILE B 98 2.86 10.14 24.25
C ILE B 98 4.13 10.10 23.44
N ARG B 99 4.07 10.41 22.15
CA ARG B 99 5.23 10.26 21.29
C ARG B 99 5.18 11.21 20.13
N ASP B 100 6.30 11.40 19.44
CA ASP B 100 6.33 12.27 18.26
C ASP B 100 5.48 11.61 17.21
N SER B 101 4.60 12.42 16.64
CA SER B 101 3.74 12.00 15.56
C SER B 101 4.60 11.68 14.36
N GLU B 102 4.22 10.68 13.59
CA GLU B 102 5.08 10.21 12.55
C GLU B 102 4.79 11.04 11.32
N THR B 103 3.50 11.26 11.10
CA THR B 103 2.95 11.81 9.88
C THR B 103 2.54 13.23 10.08
N THR B 104 2.79 13.81 11.26
CA THR B 104 2.50 15.23 11.49
C THR B 104 3.67 15.83 12.24
N LYS B 105 4.67 16.28 11.47
CA LYS B 105 5.93 16.71 12.04
C LYS B 105 5.73 17.77 13.10
N GLY B 106 6.50 17.62 14.18
CA GLY B 106 6.49 18.58 15.27
C GLY B 106 5.20 18.59 16.06
N SER B 107 4.38 17.56 15.87
CA SER B 107 3.20 17.31 16.71
C SER B 107 3.28 15.94 17.40
N TYR B 108 2.28 15.61 18.22
CA TYR B 108 2.36 14.45 19.10
C TYR B 108 1.18 13.48 19.02
N SER B 109 1.39 12.26 19.45
CA SER B 109 0.29 11.34 19.54
C SER B 109 0.20 10.59 20.87
N LEU B 110 -1.03 10.17 21.16
CA LEU B 110 -1.29 9.25 22.25
C LEU B 110 -1.42 7.82 21.71
N SER B 111 -0.73 6.86 22.32
CA SER B 111 -1.04 5.44 22.03
C SER B 111 -1.54 4.68 23.27
N VAL B 112 -2.74 4.13 23.18
CA VAL B 112 -3.32 3.43 24.32
C VAL B 112 -3.68 1.97 24.10
N ARG B 113 -3.47 1.18 25.14
CA ARG B 113 -3.88 -0.20 25.13
C ARG B 113 -5.35 -0.40 25.58
N ASP B 114 -6.03 -1.27 24.83
CA ASP B 114 -7.47 -1.49 24.90
C ASP B 114 -7.67 -2.94 24.51
N TYR B 115 -8.94 -3.33 24.35
CA TYR B 115 -9.30 -4.73 24.18
C TYR B 115 -10.72 -4.97 23.65
N ASP B 116 -10.80 -5.70 22.54
CA ASP B 116 -12.07 -6.22 22.03
C ASP B 116 -12.23 -7.68 22.35
N PRO B 117 -13.45 -8.10 22.68
CA PRO B 117 -13.70 -9.53 22.57
C PRO B 117 -13.59 -9.94 21.08
N ARG B 118 -14.07 -9.07 20.19
CA ARG B 118 -13.97 -9.28 18.76
C ARG B 118 -12.52 -9.44 18.24
N GLN B 119 -11.52 -9.01 19.02
CA GLN B 119 -10.18 -8.81 18.45
C GLN B 119 -8.95 -9.03 19.36
N GLY B 120 -9.17 -9.18 20.67
CA GLY B 120 -8.08 -9.36 21.61
C GLY B 120 -7.48 -8.04 22.04
N ASP B 121 -6.25 -8.11 22.54
CA ASP B 121 -5.48 -6.92 22.93
C ASP B 121 -5.15 -6.02 21.74
N THR B 122 -5.44 -4.73 21.85
CA THR B 122 -5.11 -3.80 20.76
C THR B 122 -4.50 -2.49 21.26
N VAL B 123 -3.99 -1.73 20.30
CA VAL B 123 -3.52 -0.37 20.54
C VAL B 123 -4.34 0.64 19.73
N LYS B 124 -4.68 1.76 20.34
CA LYS B 124 -5.35 2.83 19.61
C LYS B 124 -4.52 4.08 19.67
N HIS B 125 -4.55 4.84 18.56
CA HIS B 125 -3.75 6.05 18.40
C HIS B 125 -4.66 7.25 18.23
N TYR B 126 -4.29 8.33 18.90
CA TYR B 126 -5.08 9.52 18.92
C TYR B 126 -4.13 10.63 18.63
N LYS B 127 -4.45 11.44 17.63
CA LYS B 127 -3.67 12.62 17.31
C LYS B 127 -3.83 13.60 18.47
N ILE B 128 -2.78 14.37 18.79
CA ILE B 128 -2.92 15.45 19.77
C ILE B 128 -2.67 16.74 19.03
N ARG B 129 -3.55 17.72 19.20
CA ARG B 129 -3.54 18.91 18.36
C ARG B 129 -3.01 20.09 19.12
N THR B 130 -2.35 20.98 18.35
CA THR B 130 -1.93 22.30 18.81
C THR B 130 -1.67 23.18 17.59
N LEU B 131 -2.56 24.14 17.31
CA LEU B 131 -2.31 25.16 16.26
C LEU B 131 -1.16 26.05 16.78
N ASP B 132 -1.55 27.13 17.43
CA ASP B 132 -0.64 27.85 18.29
C ASP B 132 -1.32 27.88 19.66
N ASN B 133 -1.48 29.10 20.20
CA ASN B 133 -1.80 29.34 21.61
C ASN B 133 -0.84 28.59 22.54
N GLY B 134 -0.66 27.29 22.27
CA GLY B 134 0.32 26.48 22.95
C GLY B 134 -0.28 25.23 23.52
N GLY B 135 -1.53 25.33 23.97
CA GLY B 135 -2.25 24.23 24.59
C GLY B 135 -2.43 23.03 23.69
N PHE B 136 -2.87 21.93 24.28
CA PHE B 136 -3.10 20.68 23.57
C PHE B 136 -4.50 20.16 23.83
N TYR B 137 -5.08 19.53 22.80
CA TYR B 137 -6.32 18.79 22.93
C TYR B 137 -6.33 17.58 22.01
N ILE B 138 -7.10 16.58 22.40
CA ILE B 138 -7.50 15.49 21.52
C ILE B 138 -8.92 15.80 21.09
N SER B 139 -9.73 16.22 22.04
CA SER B 139 -11.08 16.60 21.75
C SER B 139 -11.19 18.13 21.88
N PRO B 140 -11.68 18.80 20.81
CA PRO B 140 -11.82 20.28 20.75
C PRO B 140 -12.44 20.93 21.98
N ARG B 141 -13.27 20.19 22.70
CA ARG B 141 -14.01 20.72 23.84
C ARG B 141 -13.26 20.50 25.14
N SER B 142 -12.45 19.45 25.22
CA SER B 142 -11.59 19.26 26.38
C SER B 142 -10.15 19.62 26.06
N THR B 143 -9.63 20.58 26.80
CA THR B 143 -8.45 21.29 26.38
C THR B 143 -7.47 21.54 27.55
N PHE B 144 -6.17 21.41 27.28
CA PHE B 144 -5.17 21.39 28.34
C PHE B 144 -3.95 22.22 27.96
N SER B 145 -3.31 22.86 28.95
CA SER B 145 -2.15 23.72 28.69
C SER B 145 -0.80 22.96 28.63
N THR B 146 -0.65 21.93 29.45
CA THR B 146 0.50 21.03 29.34
C THR B 146 0.04 19.65 28.94
N LEU B 147 0.97 18.87 28.38
CA LEU B 147 0.72 17.47 28.10
C LEU B 147 0.45 16.68 29.37
N GLN B 148 1.11 17.04 30.47
CA GLN B 148 0.88 16.38 31.75
C GLN B 148 -0.57 16.57 32.18
N GLU B 149 -1.07 17.79 32.02
CA GLU B 149 -2.45 18.10 32.34
C GLU B 149 -3.39 17.19 31.54
N LEU B 150 -2.99 16.91 30.30
CA LEU B 150 -3.74 16.01 29.44
C LEU B 150 -3.73 14.58 29.95
N VAL B 151 -2.58 14.07 30.41
CA VAL B 151 -2.53 12.66 30.78
C VAL B 151 -3.19 12.43 32.13
N ASP B 152 -3.08 13.43 33.01
CA ASP B 152 -3.69 13.42 34.33
C ASP B 152 -5.21 13.43 34.22
N HIS B 153 -5.74 14.15 33.23
CA HIS B 153 -7.15 14.09 32.87
C HIS B 153 -7.61 12.69 32.49
N TYR B 154 -7.03 12.16 31.42
CA TYR B 154 -7.48 10.91 30.84
C TYR B 154 -7.21 9.68 31.72
N LYS B 155 -6.44 9.85 32.78
CA LYS B 155 -6.29 8.83 33.85
C LYS B 155 -7.57 8.74 34.65
N LYS B 156 -7.98 9.87 35.21
CA LYS B 156 -9.21 10.02 35.94
C LYS B 156 -10.35 9.68 35.01
N GLY B 157 -10.39 8.42 34.56
CA GLY B 157 -11.45 7.96 33.66
C GLY B 157 -11.42 8.57 32.28
N ASN B 158 -11.74 7.76 31.27
CA ASN B 158 -11.79 8.21 29.88
C ASN B 158 -12.90 9.22 29.64
N ASP B 159 -12.58 10.27 28.87
CA ASP B 159 -13.58 10.94 28.05
C ASP B 159 -13.52 10.02 26.89
N GLY B 160 -14.30 10.27 25.85
CA GLY B 160 -14.42 9.35 24.70
C GLY B 160 -13.23 8.64 24.05
N LEU B 161 -12.17 8.38 24.78
CA LEU B 161 -11.14 7.43 24.37
C LEU B 161 -11.71 6.04 24.57
N CYS B 162 -11.16 5.06 23.86
CA CYS B 162 -11.61 3.68 23.95
C CYS B 162 -11.18 2.98 25.23
N GLN B 163 -10.24 3.62 25.93
CA GLN B 163 -9.76 3.15 27.22
C GLN B 163 -9.20 4.30 28.07
N LYS B 164 -9.38 4.26 29.39
CA LYS B 164 -8.78 5.24 30.31
C LYS B 164 -7.31 4.93 30.51
N LEU B 165 -6.47 5.97 30.50
CA LEU B 165 -5.05 5.82 30.70
C LEU B 165 -4.82 5.24 32.08
N SER B 166 -3.97 4.23 32.17
CA SER B 166 -3.55 3.70 33.47
C SER B 166 -2.12 4.15 33.79
N VAL B 167 -1.14 3.34 33.41
CA VAL B 167 0.22 3.56 33.80
C VAL B 167 1.12 3.61 32.52
N PRO B 168 2.11 4.52 32.46
CA PRO B 168 2.99 4.57 31.29
C PRO B 168 3.56 3.21 30.86
N CYS B 169 3.80 3.11 29.55
CA CYS B 169 4.38 1.93 28.91
C CYS B 169 5.64 1.46 29.62
N MET B 170 5.78 0.14 29.75
CA MET B 170 6.98 -0.45 30.36
C MET B 170 8.20 -0.22 29.49
N SER B 171 9.35 -0.22 30.15
CA SER B 171 10.50 0.44 29.58
C SER B 171 11.80 -0.22 30.04
N SER B 172 12.47 -0.87 29.09
CA SER B 172 13.81 -1.37 29.35
C SER B 172 14.88 -0.27 29.38
N LYS B 173 15.93 -0.52 30.16
CA LYS B 173 17.12 0.28 30.13
C LYS B 173 17.65 0.03 28.74
N PRO B 174 18.05 1.10 28.04
CA PRO B 174 18.70 0.97 26.73
C PRO B 174 19.99 0.20 26.84
N GLN B 175 20.40 -0.40 25.74
CA GLN B 175 21.64 -1.15 25.67
C GLN B 175 22.70 -0.07 25.63
N LYS B 176 23.62 -0.08 26.59
CA LYS B 176 24.68 0.92 26.59
C LYS B 176 25.46 0.82 25.27
N PRO B 177 26.09 1.91 24.81
CA PRO B 177 26.72 1.83 23.50
C PRO B 177 28.22 1.51 23.58
N TRP B 178 28.81 1.23 22.43
CA TRP B 178 30.17 0.75 22.35
C TRP B 178 31.15 1.78 22.92
N GLU B 179 32.22 1.27 23.54
CA GLU B 179 33.32 2.08 24.07
C GLU B 179 33.64 3.28 23.17
N LYS B 180 33.89 4.43 23.77
CA LYS B 180 34.34 5.60 23.04
C LYS B 180 35.60 5.22 22.28
N ASP B 181 35.76 5.73 21.06
CA ASP B 181 37.02 5.61 20.29
C ASP B 181 37.58 4.17 20.28
N ALA B 182 36.75 3.18 19.97
CA ALA B 182 37.22 1.80 19.95
C ALA B 182 36.67 0.96 18.80
N TRP B 183 36.80 1.45 17.58
CA TRP B 183 36.43 0.71 16.39
C TRP B 183 37.45 -0.41 16.06
N GLU B 184 38.75 -0.11 16.18
CA GLU B 184 39.76 -1.10 15.97
C GLU B 184 40.26 -1.47 17.34
N ILE B 185 40.19 -2.73 17.67
CA ILE B 185 40.55 -3.14 19.00
C ILE B 185 41.71 -4.15 18.98
N PRO B 186 42.33 -4.38 20.14
CA PRO B 186 43.36 -5.39 20.14
C PRO B 186 42.75 -6.78 20.38
N ARG B 187 43.44 -7.84 19.99
CA ARG B 187 42.87 -9.18 20.18
C ARG B 187 42.71 -9.57 21.68
N GLU B 188 43.56 -9.03 22.55
CA GLU B 188 43.53 -9.37 23.99
C GLU B 188 42.25 -8.94 24.66
N SER B 189 41.57 -7.96 24.06
CA SER B 189 40.32 -7.47 24.61
C SER B 189 39.26 -8.56 24.56
N LEU B 190 39.48 -9.55 23.70
CA LEU B 190 38.50 -10.61 23.51
C LEU B 190 38.89 -11.93 24.17
N LYS B 191 37.89 -12.56 24.80
CA LYS B 191 37.94 -13.95 25.18
C LYS B 191 36.79 -14.53 24.41
N LEU B 192 37.11 -15.42 23.46
CA LEU B 192 36.09 -16.08 22.67
C LEU B 192 35.72 -17.37 23.35
N GLU B 193 34.51 -17.40 23.91
CA GLU B 193 34.14 -18.35 24.95
C GLU B 193 33.38 -19.58 24.48
N LYS B 194 32.65 -19.51 23.37
CA LYS B 194 31.78 -20.62 22.95
C LYS B 194 31.56 -20.54 21.45
N LYS B 195 32.08 -21.55 20.74
CA LYS B 195 31.89 -21.65 19.31
C LYS B 195 30.42 -21.93 19.10
N LEU B 196 29.80 -21.10 18.29
CA LEU B 196 28.37 -21.19 18.06
C LEU B 196 28.06 -21.86 16.74
N GLY B 197 28.96 -21.74 15.78
CA GLY B 197 28.72 -22.25 14.45
C GLY B 197 29.92 -22.02 13.59
N ALA B 198 30.20 -22.96 12.69
CA ALA B 198 31.44 -22.93 11.91
C ALA B 198 31.16 -23.01 10.41
N GLY B 199 31.14 -21.85 9.74
CA GLY B 199 30.96 -21.78 8.29
C GLY B 199 32.12 -22.35 7.47
N GLN B 200 31.93 -22.33 6.16
CA GLN B 200 32.98 -22.61 5.19
C GLN B 200 34.02 -21.49 5.25
N PHE B 201 33.58 -20.32 5.75
CA PHE B 201 34.33 -19.07 5.60
C PHE B 201 34.92 -18.52 6.88
N GLY B 202 34.77 -19.29 7.96
CA GLY B 202 35.13 -18.85 9.31
C GLY B 202 34.09 -19.27 10.32
N GLU B 203 34.26 -18.87 11.58
CA GLU B 203 33.40 -19.33 12.68
C GLU B 203 32.70 -18.17 13.37
N VAL B 204 31.70 -18.48 14.18
CA VAL B 204 31.01 -17.47 15.01
C VAL B 204 31.03 -17.94 16.47
N TRP B 205 31.50 -17.04 17.33
CA TRP B 205 31.78 -17.32 18.73
C TRP B 205 30.99 -16.36 19.60
N MET B 206 30.41 -16.87 20.68
CA MET B 206 29.90 -16.00 21.73
C MET B 206 31.16 -15.58 22.45
N ALA B 207 31.27 -14.32 22.83
CA ALA B 207 32.54 -13.81 23.36
C ALA B 207 32.38 -12.70 24.40
N THR B 208 33.50 -12.31 25.02
CA THR B 208 33.48 -11.26 26.03
C THR B 208 34.58 -10.25 25.74
N TYR B 209 34.19 -8.96 25.79
CA TYR B 209 35.06 -7.85 25.47
C TYR B 209 35.40 -7.07 26.72
N ASN B 210 36.71 -7.05 27.05
CA ASN B 210 37.22 -6.47 28.29
C ASN B 210 36.33 -6.80 29.49
N LYS B 211 36.14 -8.09 29.77
CA LYS B 211 35.29 -8.57 30.89
C LYS B 211 33.80 -8.20 30.90
N HIS B 212 33.45 -6.91 30.77
N HIS B 212 33.51 -6.91 30.75
CA HIS B 212 32.08 -6.45 31.09
CA HIS B 212 32.18 -6.37 31.01
C HIS B 212 31.08 -6.27 29.93
C HIS B 212 31.09 -6.78 30.01
N THR B 213 31.40 -6.72 28.72
CA THR B 213 30.35 -6.74 27.68
C THR B 213 30.31 -8.02 26.86
N LYS B 214 29.10 -8.52 26.61
CA LYS B 214 28.91 -9.77 25.90
C LYS B 214 28.75 -9.54 24.40
N VAL B 215 29.59 -10.17 23.59
CA VAL B 215 29.57 -9.87 22.18
C VAL B 215 29.51 -11.16 21.41
N ALA B 216 29.12 -11.08 20.14
CA ALA B 216 29.35 -12.17 19.19
C ALA B 216 30.60 -11.84 18.36
N VAL B 217 31.38 -12.87 18.01
CA VAL B 217 32.58 -12.68 17.19
C VAL B 217 32.59 -13.62 15.98
N LYS B 218 32.58 -13.04 14.77
CA LYS B 218 32.84 -13.81 13.55
C LYS B 218 34.29 -13.65 13.21
N THR B 219 34.94 -14.79 13.00
CA THR B 219 36.34 -14.86 12.60
C THR B 219 36.32 -15.18 11.11
N MET B 220 37.18 -14.54 10.34
CA MET B 220 37.14 -14.68 8.88
C MET B 220 38.25 -15.58 8.45
N LYS B 221 38.05 -16.30 7.35
CA LYS B 221 39.15 -17.07 6.82
C LYS B 221 40.07 -16.20 5.96
N PRO B 222 41.39 -16.37 6.12
CA PRO B 222 42.31 -15.67 5.22
C PRO B 222 42.15 -16.17 3.80
N GLY B 223 41.28 -15.52 3.03
CA GLY B 223 41.05 -15.85 1.61
C GLY B 223 41.73 -14.86 0.67
N SER B 224 41.74 -15.17 -0.63
CA SER B 224 42.35 -14.32 -1.70
C SER B 224 42.01 -12.84 -1.57
N MET B 225 40.76 -12.58 -1.15
CA MET B 225 40.34 -11.30 -0.60
C MET B 225 41.51 -10.56 0.10
N SER B 226 41.77 -9.31 -0.31
CA SER B 226 42.84 -8.51 0.29
C SER B 226 42.46 -7.85 1.63
N VAL B 227 43.46 -7.56 2.48
CA VAL B 227 43.26 -7.03 3.85
C VAL B 227 42.60 -5.65 3.95
N GLU B 228 43.32 -4.60 3.54
CA GLU B 228 42.75 -3.24 3.46
C GLU B 228 41.44 -3.21 2.65
N ALA B 229 41.41 -4.01 1.57
CA ALA B 229 40.21 -4.22 0.76
C ALA B 229 39.03 -4.77 1.59
N PHE B 230 39.32 -5.65 2.54
CA PHE B 230 38.31 -6.12 3.47
C PHE B 230 37.97 -5.03 4.49
N LEU B 231 38.99 -4.40 5.06
CA LEU B 231 38.80 -3.32 6.01
C LEU B 231 38.01 -2.11 5.42
N ALA B 232 38.29 -1.74 4.17
CA ALA B 232 37.59 -0.60 3.55
C ALA B 232 36.11 -0.84 3.31
N GLU B 233 35.74 -2.04 2.89
CA GLU B 233 34.32 -2.39 2.77
C GLU B 233 33.63 -2.34 4.15
N ALA B 234 34.35 -2.75 5.18
CA ALA B 234 33.84 -2.73 6.55
C ALA B 234 33.45 -1.34 7.09
N ASN B 235 34.32 -0.33 6.89
CA ASN B 235 34.10 1.03 7.42
C ASN B 235 32.91 1.73 6.79
N VAL B 236 32.60 1.32 5.56
CA VAL B 236 31.40 1.75 4.90
C VAL B 236 30.19 1.20 5.69
N MET B 237 30.22 -0.10 5.96
CA MET B 237 29.11 -0.79 6.60
C MET B 237 28.91 -0.30 8.02
N LYS B 238 29.99 0.20 8.60
CA LYS B 238 29.98 0.83 9.90
C LYS B 238 29.09 2.07 9.90
N THR B 239 29.04 2.80 8.79
CA THR B 239 28.24 4.03 8.73
C THR B 239 26.76 3.76 8.46
N LEU B 240 26.44 2.53 8.05
CA LEU B 240 25.07 2.18 7.65
C LEU B 240 24.26 1.67 8.81
N GLN B 241 24.33 2.38 9.94
CA GLN B 241 23.62 1.98 11.14
C GLN B 241 22.10 2.06 10.98
N HIS B 242 21.43 1.05 11.49
CA HIS B 242 19.98 0.99 11.49
C HIS B 242 19.50 0.02 12.54
N ASP B 243 18.30 0.29 13.06
CA ASP B 243 17.71 -0.51 14.10
C ASP B 243 17.44 -1.96 13.75
N LYS B 244 17.35 -2.25 12.44
CA LYS B 244 17.04 -3.60 11.99
C LYS B 244 18.22 -4.24 11.24
N LEU B 245 19.41 -3.65 11.38
CA LEU B 245 20.65 -4.35 11.00
C LEU B 245 21.43 -4.62 12.25
N VAL B 246 21.92 -5.85 12.43
CA VAL B 246 22.77 -6.17 13.55
C VAL B 246 23.90 -5.12 13.71
N LYS B 247 24.04 -4.53 14.91
CA LYS B 247 25.07 -3.52 15.25
C LYS B 247 26.53 -4.01 15.12
N LEU B 248 27.28 -3.40 14.19
CA LEU B 248 28.67 -3.76 13.93
C LEU B 248 29.58 -2.95 14.85
N HIS B 249 30.08 -3.53 15.93
CA HIS B 249 30.77 -2.72 16.94
C HIS B 249 32.22 -2.30 16.61
N ALA B 250 33.05 -3.27 16.22
CA ALA B 250 34.49 -3.15 16.25
C ALA B 250 35.10 -4.21 15.34
N VAL B 251 36.42 -4.21 15.25
CA VAL B 251 37.13 -5.04 14.28
C VAL B 251 38.55 -5.38 14.76
N VAL B 252 38.99 -6.62 14.54
CA VAL B 252 40.41 -6.91 14.70
C VAL B 252 41.03 -6.95 13.31
N THR B 253 42.04 -6.10 13.14
CA THR B 253 42.59 -5.82 11.83
C THR B 253 43.67 -6.83 11.39
N LYS B 254 44.50 -7.27 12.35
CA LYS B 254 45.46 -8.36 12.16
C LYS B 254 44.78 -9.65 11.74
N GLU B 255 45.28 -10.26 10.67
CA GLU B 255 44.79 -11.57 10.24
C GLU B 255 45.04 -12.65 11.28
N PRO B 256 44.11 -13.63 11.41
CA PRO B 256 42.78 -13.65 10.80
C PRO B 256 41.83 -12.57 11.37
N ILE B 257 41.15 -11.87 10.48
CA ILE B 257 40.30 -10.73 10.85
C ILE B 257 39.14 -11.20 11.72
N TYR B 258 38.82 -10.44 12.75
CA TYR B 258 37.70 -10.77 13.61
C TYR B 258 36.69 -9.65 13.48
N ILE B 259 35.40 -9.96 13.61
CA ILE B 259 34.42 -8.90 13.54
C ILE B 259 33.51 -8.96 14.74
N ILE B 260 33.32 -7.79 15.36
CA ILE B 260 32.54 -7.74 16.57
C ILE B 260 31.15 -7.13 16.36
N THR B 261 30.11 -7.90 16.67
CA THR B 261 28.73 -7.38 16.65
C THR B 261 28.04 -7.65 17.97
N GLU B 262 26.88 -7.02 18.13
CA GLU B 262 26.03 -7.23 19.26
C GLU B 262 25.66 -8.68 19.35
N PHE B 263 25.43 -9.14 20.57
CA PHE B 263 25.00 -10.50 20.76
C PHE B 263 23.51 -10.54 20.74
N MET B 264 22.97 -11.50 20.01
CA MET B 264 21.53 -11.56 19.83
C MET B 264 21.05 -12.86 20.48
N ALA B 265 20.47 -12.72 21.66
CA ALA B 265 20.23 -13.85 22.57
C ALA B 265 19.81 -15.12 21.87
N LYS B 266 18.81 -14.99 20.98
CA LYS B 266 18.06 -16.12 20.43
C LYS B 266 18.61 -16.66 19.11
N GLY B 267 19.83 -16.25 18.76
CA GLY B 267 20.46 -16.73 17.52
C GLY B 267 19.77 -16.43 16.20
N SER B 268 19.72 -17.41 15.30
CA SER B 268 19.20 -17.14 13.98
C SER B 268 17.71 -17.32 14.05
N LEU B 269 17.02 -16.62 13.16
CA LEU B 269 15.57 -16.70 13.08
C LEU B 269 15.16 -18.14 12.81
N LEU B 270 15.84 -18.71 11.80
CA LEU B 270 15.65 -20.09 11.42
C LEU B 270 15.68 -20.98 12.65
N ASP B 271 16.66 -20.76 13.52
CA ASP B 271 16.78 -21.59 14.69
C ASP B 271 15.67 -21.32 15.68
N PHE B 272 15.40 -20.05 15.90
CA PHE B 272 14.34 -19.72 16.81
C PHE B 272 13.03 -20.36 16.34
N LEU B 273 12.68 -20.26 15.07
CA LEU B 273 11.37 -20.73 14.63
C LEU B 273 11.22 -22.24 14.83
N LYS B 274 12.32 -22.95 14.51
CA LYS B 274 12.41 -24.40 14.55
C LYS B 274 12.38 -24.84 15.97
N SER B 275 12.79 -23.95 16.87
CA SER B 275 12.81 -24.23 18.31
C SER B 275 11.40 -24.35 18.90
N ASP B 276 11.31 -24.72 20.17
CA ASP B 276 10.03 -25.00 20.78
C ASP B 276 9.23 -23.72 21.07
N GLU B 277 9.91 -22.67 21.54
CA GLU B 277 9.28 -21.35 21.59
C GLU B 277 8.99 -20.83 20.16
N GLY B 278 9.86 -21.18 19.23
CA GLY B 278 9.64 -20.86 17.83
C GLY B 278 8.27 -21.30 17.44
N SER B 279 7.88 -22.48 17.90
CA SER B 279 6.63 -23.08 17.49
C SER B 279 5.39 -22.54 18.22
N LYS B 280 5.56 -21.69 19.22
CA LYS B 280 4.38 -21.07 19.87
C LYS B 280 4.05 -19.61 19.42
N GLN B 281 4.66 -19.14 18.34
CA GLN B 281 4.32 -17.81 17.87
C GLN B 281 3.14 -17.90 16.93
N PRO B 282 2.02 -17.24 17.28
CA PRO B 282 0.91 -17.20 16.33
C PRO B 282 1.23 -16.39 15.06
N LEU B 283 0.54 -16.73 13.99
CA LEU B 283 0.51 -15.93 12.78
C LEU B 283 0.87 -14.44 12.94
N PRO B 284 0.10 -13.68 13.75
CA PRO B 284 0.40 -12.23 13.85
C PRO B 284 1.79 -11.83 14.32
N LYS B 285 2.47 -12.69 15.10
CA LYS B 285 3.86 -12.47 15.47
C LYS B 285 4.73 -12.75 14.29
N LEU B 286 4.45 -13.86 13.60
CA LEU B 286 5.20 -14.19 12.40
C LEU B 286 5.20 -13.03 11.39
N ILE B 287 4.02 -12.56 11.02
CA ILE B 287 3.92 -11.37 10.17
C ILE B 287 4.74 -10.17 10.70
N ASP B 288 4.63 -9.92 12.00
CA ASP B 288 5.34 -8.83 12.64
C ASP B 288 6.86 -8.90 12.48
N PHE B 289 7.43 -10.09 12.63
CA PHE B 289 8.83 -10.30 12.26
C PHE B 289 9.07 -9.94 10.82
N SER B 290 8.19 -10.43 9.93
CA SER B 290 8.34 -10.17 8.52
C SER B 290 8.41 -8.69 8.28
N ALA B 291 7.55 -7.97 9.00
CA ALA B 291 7.46 -6.53 8.88
C ALA B 291 8.81 -5.89 9.21
N GLN B 292 9.42 -6.37 10.29
CA GLN B 292 10.67 -5.80 10.76
C GLN B 292 11.80 -6.00 9.76
N ILE B 293 11.80 -7.19 9.18
CA ILE B 293 12.82 -7.60 8.24
C ILE B 293 12.65 -6.73 7.00
N ALA B 294 11.41 -6.55 6.57
CA ALA B 294 11.11 -5.68 5.44
C ALA B 294 11.50 -4.23 5.74
N GLU B 295 11.31 -3.78 6.98
CA GLU B 295 11.70 -2.44 7.39
C GLU B 295 13.19 -2.25 7.23
N GLY B 296 13.97 -3.25 7.61
CA GLY B 296 15.40 -3.16 7.48
C GLY B 296 15.80 -3.25 6.03
N MET B 297 15.12 -4.12 5.30
CA MET B 297 15.34 -4.21 3.86
C MET B 297 14.99 -2.90 3.14
N ALA B 298 13.86 -2.28 3.48
CA ALA B 298 13.51 -0.99 2.90
C ALA B 298 14.68 0.00 3.01
N PHE B 299 15.34 0.04 4.17
CA PHE B 299 16.48 0.92 4.38
C PHE B 299 17.69 0.68 3.43
N ILE B 300 18.11 -0.57 3.31
CA ILE B 300 19.17 -0.97 2.40
C ILE B 300 18.79 -0.52 1.00
N GLU B 301 17.54 -0.77 0.66
CA GLU B 301 16.96 -0.33 -0.61
C GLU B 301 17.09 1.18 -0.81
N GLN B 302 16.72 1.96 0.20
CA GLN B 302 16.69 3.39 0.02
C GLN B 302 18.11 3.97 -0.01
N ARG B 303 19.09 3.13 0.29
CA ARG B 303 20.48 3.52 0.28
C ARG B 303 21.11 3.08 -1.02
N ASN B 304 20.27 2.61 -1.94
CA ASN B 304 20.70 2.03 -3.21
C ASN B 304 21.77 0.96 -3.03
N TYR B 305 21.48 0.02 -2.13
CA TYR B 305 22.33 -1.15 -1.90
C TYR B 305 21.63 -2.46 -2.27
N ILE B 306 22.25 -3.57 -1.82
CA ILE B 306 21.81 -4.94 -2.09
C ILE B 306 22.37 -5.79 -0.95
N HIS B 307 21.64 -6.85 -0.58
CA HIS B 307 22.07 -7.79 0.44
C HIS B 307 22.05 -9.20 -0.19
N ARG B 308 23.14 -9.63 -0.80
CA ARG B 308 23.00 -10.75 -1.78
C ARG B 308 22.44 -12.10 -1.27
N ASP B 309 22.32 -12.26 0.05
CA ASP B 309 21.96 -13.54 0.66
C ASP B 309 20.89 -13.44 1.78
N LEU B 310 19.67 -13.10 1.39
CA LEU B 310 18.58 -12.94 2.34
C LEU B 310 17.88 -14.27 2.65
N ARG B 311 17.88 -14.68 3.92
CA ARG B 311 17.11 -15.87 4.36
C ARG B 311 17.12 -15.95 5.87
N ALA B 312 16.27 -16.81 6.43
CA ALA B 312 16.11 -16.87 7.89
C ALA B 312 17.43 -17.09 8.59
N ALA B 313 18.30 -17.88 7.96
CA ALA B 313 19.64 -18.11 8.48
C ALA B 313 20.35 -16.82 8.84
N ASN B 314 20.23 -15.78 8.01
CA ASN B 314 20.91 -14.50 8.31
C ASN B 314 20.02 -13.38 8.85
N ILE B 315 19.08 -13.77 9.70
CA ILE B 315 18.30 -12.80 10.47
C ILE B 315 18.50 -13.25 11.89
N LEU B 316 18.82 -12.34 12.78
CA LEU B 316 18.97 -12.74 14.17
C LEU B 316 17.81 -12.25 15.06
N VAL B 317 17.60 -12.93 16.20
CA VAL B 317 16.55 -12.53 17.13
C VAL B 317 17.11 -12.08 18.50
N SER B 318 16.70 -10.89 18.95
CA SER B 318 17.12 -10.44 20.25
C SER B 318 16.25 -11.17 21.26
N ALA B 319 16.73 -11.21 22.51
CA ALA B 319 16.02 -11.83 23.63
C ALA B 319 14.56 -11.42 23.62
N SER B 320 14.37 -10.16 23.26
CA SER B 320 13.10 -9.50 23.31
C SER B 320 12.36 -9.61 21.97
N LEU B 321 12.83 -10.49 21.12
CA LEU B 321 12.19 -10.77 19.82
C LEU B 321 12.20 -9.62 18.86
N VAL B 322 13.25 -8.81 18.85
CA VAL B 322 13.47 -7.97 17.68
C VAL B 322 14.24 -8.76 16.60
N CYS B 323 13.91 -8.56 15.34
CA CYS B 323 14.66 -9.18 14.25
C CYS B 323 15.60 -8.19 13.64
N LYS B 324 16.74 -8.68 13.16
CA LYS B 324 17.75 -7.85 12.58
C LYS B 324 18.36 -8.65 11.47
N ILE B 325 18.82 -7.92 10.46
CA ILE B 325 19.43 -8.49 9.28
C ILE B 325 20.88 -8.63 9.58
N ALA B 326 21.43 -9.82 9.35
CA ALA B 326 22.84 -10.04 9.59
C ALA B 326 23.49 -10.20 8.24
N ASP B 327 24.82 -10.12 8.20
CA ASP B 327 25.60 -10.55 7.02
C ASP B 327 25.40 -9.58 5.82
N PHE B 328 24.87 -8.39 6.14
CA PHE B 328 24.90 -7.26 5.23
C PHE B 328 26.33 -6.74 4.84
N GLY B 329 26.66 -6.81 3.56
CA GLY B 329 27.91 -6.28 3.04
C GLY B 329 29.02 -7.32 3.07
N LEU B 330 28.78 -8.37 3.83
CA LEU B 330 29.67 -9.51 3.90
C LEU B 330 29.58 -10.36 2.64
N ALA B 331 28.40 -10.38 2.01
CA ALA B 331 28.25 -11.09 0.75
C ALA B 331 29.05 -10.45 -0.37
N ARG B 332 29.08 -9.11 -0.40
CA ARG B 332 29.91 -8.35 -1.36
C ARG B 332 31.40 -8.56 -1.09
N VAL B 333 31.76 -8.87 0.16
CA VAL B 333 33.13 -9.31 0.48
C VAL B 333 33.39 -10.79 0.06
N ILE B 334 32.38 -11.66 0.26
CA ILE B 334 32.46 -13.08 -0.08
C ILE B 334 31.66 -13.41 -1.34
N PRO B 348 24.15 -21.92 -2.03
CA PRO B 348 22.77 -21.74 -1.50
C PRO B 348 21.82 -21.19 -2.56
N ILE B 349 21.23 -22.05 -3.37
CA ILE B 349 20.45 -21.53 -4.49
C ILE B 349 18.93 -21.29 -4.28
N LYS B 350 18.26 -22.15 -3.50
CA LYS B 350 16.78 -22.07 -3.33
C LYS B 350 16.15 -20.70 -2.98
N TRP B 351 16.87 -19.81 -2.30
CA TRP B 351 16.37 -18.46 -1.99
C TRP B 351 16.68 -17.43 -3.10
N THR B 352 17.48 -17.83 -4.08
CA THR B 352 17.96 -16.93 -5.12
C THR B 352 17.02 -16.79 -6.34
N ALA B 353 16.92 -15.56 -6.84
CA ALA B 353 16.10 -15.26 -8.00
C ALA B 353 16.72 -15.80 -9.31
N PRO B 354 15.89 -16.05 -10.34
CA PRO B 354 16.42 -16.73 -11.52
C PRO B 354 17.44 -15.92 -12.31
N GLU B 355 17.28 -14.60 -12.35
CA GLU B 355 18.26 -13.76 -13.04
C GLU B 355 19.61 -13.96 -12.37
N ALA B 356 19.63 -13.88 -11.05
CA ALA B 356 20.85 -14.08 -10.28
C ALA B 356 21.45 -15.48 -10.50
N ILE B 357 20.62 -16.51 -10.58
CA ILE B 357 21.12 -17.86 -10.86
C ILE B 357 21.68 -17.98 -12.28
N ASN B 358 20.85 -17.66 -13.28
CA ASN B 358 21.17 -17.88 -14.69
C ASN B 358 22.17 -16.91 -15.31
N PHE B 359 22.14 -15.67 -14.85
CA PHE B 359 22.94 -14.63 -15.48
C PHE B 359 23.85 -13.92 -14.50
N GLY B 360 23.62 -14.15 -13.20
CA GLY B 360 24.42 -13.50 -12.17
C GLY B 360 23.90 -12.13 -11.76
N SER B 361 22.81 -11.68 -12.40
CA SER B 361 22.28 -10.31 -12.28
C SER B 361 21.62 -10.03 -10.93
N PHE B 362 22.41 -9.81 -9.88
CA PHE B 362 21.83 -9.49 -8.57
C PHE B 362 21.39 -8.01 -8.51
N THR B 363 20.23 -7.73 -7.93
CA THR B 363 19.79 -6.35 -7.65
C THR B 363 18.77 -6.37 -6.55
N ILE B 364 18.37 -5.18 -6.09
CA ILE B 364 17.43 -5.11 -5.00
C ILE B 364 16.23 -6.00 -5.26
N LYS B 365 15.91 -6.19 -6.54
CA LYS B 365 14.73 -6.93 -6.93
C LYS B 365 14.87 -8.41 -6.66
N SER B 366 16.07 -8.94 -6.79
CA SER B 366 16.30 -10.34 -6.49
C SER B 366 16.30 -10.59 -4.98
N ASP B 367 16.73 -9.59 -4.21
CA ASP B 367 16.49 -9.60 -2.77
C ASP B 367 14.97 -9.65 -2.47
N VAL B 368 14.15 -8.93 -3.23
CA VAL B 368 12.71 -9.04 -3.08
C VAL B 368 12.20 -10.49 -3.22
N TRP B 369 12.64 -11.17 -4.26
CA TRP B 369 12.31 -12.59 -4.45
C TRP B 369 12.74 -13.39 -3.23
N SER B 370 13.99 -13.18 -2.81
CA SER B 370 14.50 -13.82 -1.62
C SER B 370 13.56 -13.60 -0.46
N PHE B 371 13.05 -12.38 -0.32
CA PHE B 371 12.14 -12.07 0.76
C PHE B 371 10.88 -12.92 0.74
N GLY B 372 10.28 -13.05 -0.44
CA GLY B 372 9.15 -13.94 -0.64
C GLY B 372 9.42 -15.34 -0.12
N ILE B 373 10.65 -15.82 -0.31
CA ILE B 373 11.01 -17.18 0.13
C ILE B 373 11.16 -17.23 1.66
N LEU B 374 11.69 -16.15 2.22
CA LEU B 374 11.87 -16.07 3.64
C LEU B 374 10.50 -16.04 4.30
N LEU B 375 9.62 -15.25 3.69
CA LEU B 375 8.25 -15.14 4.07
C LEU B 375 7.68 -16.54 4.20
N MET B 376 7.96 -17.38 3.21
CA MET B 376 7.44 -18.72 3.20
C MET B 376 8.10 -19.55 4.31
N GLU B 377 9.43 -19.43 4.40
CA GLU B 377 10.20 -20.02 5.49
C GLU B 377 9.48 -19.67 6.79
N ILE B 378 9.41 -18.37 7.10
CA ILE B 378 8.77 -17.89 8.31
C ILE B 378 7.42 -18.52 8.59
N VAL B 379 6.52 -18.60 7.60
CA VAL B 379 5.21 -19.18 7.87
C VAL B 379 5.21 -20.70 8.04
N THR B 380 6.17 -21.38 7.43
CA THR B 380 6.27 -22.84 7.63
C THR B 380 7.23 -23.20 8.74
N TYR B 381 7.44 -22.27 9.65
CA TYR B 381 8.30 -22.48 10.81
C TYR B 381 9.77 -22.80 10.57
N GLY B 382 10.24 -22.69 9.33
CA GLY B 382 11.67 -22.81 9.10
C GLY B 382 12.04 -23.91 8.15
N ARG B 383 11.04 -24.73 7.80
CA ARG B 383 11.20 -25.80 6.81
C ARG B 383 11.95 -25.36 5.54
N ILE B 384 12.90 -26.19 5.13
CA ILE B 384 13.57 -25.99 3.86
C ILE B 384 12.55 -25.51 2.81
N PRO B 385 12.90 -24.46 2.05
CA PRO B 385 12.14 -24.18 0.83
C PRO B 385 12.01 -25.39 -0.12
N TYR B 386 10.94 -25.40 -0.90
CA TYR B 386 10.73 -26.41 -1.94
C TYR B 386 11.01 -27.79 -1.39
N PRO B 387 10.29 -28.19 -0.32
CA PRO B 387 10.66 -29.42 0.37
C PRO B 387 10.57 -30.61 -0.56
N GLY B 388 11.43 -31.59 -0.34
CA GLY B 388 11.43 -32.82 -1.15
C GLY B 388 12.24 -32.71 -2.42
N MET B 389 12.34 -31.50 -2.96
CA MET B 389 13.09 -31.23 -4.18
C MET B 389 14.59 -31.01 -3.95
N SER B 390 15.39 -31.45 -4.91
CA SER B 390 16.82 -31.12 -4.97
C SER B 390 17.00 -29.76 -5.65
N ASN B 391 18.20 -29.18 -5.55
CA ASN B 391 18.52 -27.91 -6.22
C ASN B 391 18.24 -27.94 -7.74
N PRO B 392 19.02 -28.74 -8.53
CA PRO B 392 18.65 -28.98 -9.94
C PRO B 392 17.15 -29.21 -10.19
N GLU B 393 16.53 -30.12 -9.41
CA GLU B 393 15.09 -30.37 -9.49
C GLU B 393 14.32 -29.05 -9.44
N VAL B 394 14.69 -28.20 -8.47
CA VAL B 394 14.00 -26.92 -8.27
C VAL B 394 14.21 -25.96 -9.44
N ILE B 395 15.48 -25.82 -9.87
CA ILE B 395 15.88 -24.90 -10.97
C ILE B 395 14.98 -25.05 -12.20
N ARG B 396 14.87 -26.29 -12.69
CA ARG B 396 14.04 -26.60 -13.82
C ARG B 396 12.60 -26.15 -13.60
N ALA B 397 12.02 -26.49 -12.46
CA ALA B 397 10.61 -26.20 -12.16
C ALA B 397 10.27 -24.69 -12.18
N LEU B 398 11.23 -23.86 -11.77
CA LEU B 398 11.09 -22.43 -11.89
C LEU B 398 10.97 -22.05 -13.35
N GLU B 399 11.91 -22.56 -14.16
CA GLU B 399 11.85 -22.33 -15.59
C GLU B 399 10.44 -22.67 -16.09
N ARG B 400 9.98 -23.89 -15.78
CA ARG B 400 8.60 -24.31 -16.05
C ARG B 400 7.53 -23.31 -15.56
N GLY B 401 7.82 -22.56 -14.49
CA GLY B 401 6.92 -21.49 -14.07
C GLY B 401 6.19 -21.81 -12.77
N TYR B 402 6.65 -22.89 -12.13
CA TYR B 402 6.14 -23.39 -10.86
C TYR B 402 6.46 -22.49 -9.66
N ARG B 403 5.55 -22.48 -8.67
CA ARG B 403 5.76 -21.82 -7.39
C ARG B 403 5.32 -22.73 -6.27
N MET B 404 5.83 -22.48 -5.08
CA MET B 404 5.40 -23.20 -3.90
C MET B 404 3.91 -22.96 -3.62
N PRO B 405 3.18 -24.03 -3.26
CA PRO B 405 1.78 -23.91 -2.91
C PRO B 405 1.57 -23.21 -1.55
N ARG B 406 0.36 -22.70 -1.35
CA ARG B 406 -0.01 -22.05 -0.12
C ARG B 406 0.03 -23.05 1.01
N PRO B 407 0.80 -22.77 2.06
CA PRO B 407 0.67 -23.63 3.22
C PRO B 407 -0.71 -23.45 3.80
N GLU B 408 -1.16 -24.45 4.55
CA GLU B 408 -2.51 -24.49 5.15
C GLU B 408 -2.83 -23.23 5.96
N ASN B 409 -2.16 -23.12 7.12
CA ASN B 409 -2.34 -22.02 8.04
C ASN B 409 -1.82 -20.67 7.52
N CYS B 410 -1.42 -20.60 6.25
CA CYS B 410 -0.93 -19.33 5.71
C CYS B 410 -2.07 -18.51 5.15
N PRO B 411 -2.25 -17.26 5.61
CA PRO B 411 -3.30 -16.42 5.03
C PRO B 411 -3.17 -16.24 3.51
N GLU B 412 -4.32 -16.15 2.84
CA GLU B 412 -4.42 -15.95 1.40
C GLU B 412 -3.65 -14.77 0.86
N GLU B 413 -3.86 -13.60 1.48
CA GLU B 413 -3.25 -12.34 1.07
C GLU B 413 -1.81 -12.29 1.48
N LEU B 414 -1.45 -13.10 2.46
CA LEU B 414 -0.05 -13.22 2.77
C LEU B 414 0.60 -14.00 1.63
N TYR B 415 -0.12 -15.02 1.15
CA TYR B 415 0.32 -15.78 0.00
C TYR B 415 0.43 -14.91 -1.21
N ASN B 416 -0.41 -13.89 -1.35
N ASN B 416 -0.45 -13.92 -1.32
CA ASN B 416 -0.29 -13.07 -2.55
CA ASN B 416 -0.43 -12.97 -2.43
C ASN B 416 0.93 -12.17 -2.58
C ASN B 416 0.93 -12.26 -2.54
N ILE B 417 1.45 -11.78 -1.41
CA ILE B 417 2.69 -11.00 -1.34
C ILE B 417 3.84 -11.86 -1.86
N MET B 418 3.85 -13.10 -1.43
CA MET B 418 4.89 -14.03 -1.86
C MET B 418 4.82 -14.16 -3.37
N MET B 419 3.63 -14.48 -3.88
CA MET B 419 3.37 -14.53 -5.31
C MET B 419 3.81 -13.25 -6.03
N ARG B 420 3.54 -12.11 -5.44
CA ARG B 420 4.02 -10.84 -6.00
C ARG B 420 5.55 -10.70 -6.03
N CYS B 421 6.22 -11.20 -4.99
CA CYS B 421 7.70 -11.28 -4.99
C CYS B 421 8.23 -12.21 -6.09
N TRP B 422 7.52 -13.30 -6.30
CA TRP B 422 8.02 -14.30 -7.22
C TRP B 422 7.65 -14.02 -8.69
N LYS B 423 7.22 -12.80 -9.02
CA LYS B 423 6.95 -12.45 -10.43
C LYS B 423 8.23 -12.56 -11.28
N ASN B 424 8.10 -13.14 -12.47
CA ASN B 424 9.28 -13.39 -13.31
C ASN B 424 10.05 -12.14 -13.66
N ARG B 425 9.35 -11.17 -14.23
CA ARG B 425 9.95 -9.90 -14.62
C ARG B 425 10.34 -9.10 -13.38
N PRO B 426 11.64 -8.99 -13.08
CA PRO B 426 11.99 -8.44 -11.76
C PRO B 426 11.34 -7.07 -11.50
N GLU B 427 11.36 -6.20 -12.51
CA GLU B 427 10.73 -4.87 -12.48
C GLU B 427 9.28 -4.85 -12.01
N GLU B 428 8.67 -6.02 -11.98
CA GLU B 428 7.25 -6.21 -11.62
C GLU B 428 7.04 -6.74 -10.21
N ARG B 429 8.08 -6.70 -9.38
CA ARG B 429 8.00 -7.10 -7.99
C ARG B 429 7.94 -5.85 -7.09
N PRO B 430 7.27 -5.96 -5.94
CA PRO B 430 7.13 -4.72 -5.15
C PRO B 430 8.45 -4.09 -4.66
N THR B 431 8.40 -2.81 -4.29
CA THR B 431 9.45 -2.22 -3.47
C THR B 431 9.30 -2.68 -2.05
N PHE B 432 10.40 -2.61 -1.31
CA PHE B 432 10.39 -2.94 0.10
C PHE B 432 9.59 -1.89 0.86
N GLU B 433 9.74 -0.60 0.51
CA GLU B 433 8.85 0.44 1.03
C GLU B 433 7.40 -0.04 0.95
N TYR B 434 6.96 -0.47 -0.22
CA TYR B 434 5.63 -1.04 -0.34
C TYR B 434 5.39 -2.25 0.58
N ILE B 435 6.20 -3.30 0.45
CA ILE B 435 5.99 -4.51 1.21
C ILE B 435 5.88 -4.24 2.73
N GLN B 436 6.83 -3.48 3.27
CA GLN B 436 6.80 -3.06 4.67
C GLN B 436 5.42 -2.54 5.03
N SER B 437 4.91 -1.59 4.22
CA SER B 437 3.65 -0.93 4.56
C SER B 437 2.48 -1.90 4.52
N VAL B 438 2.41 -2.78 3.53
CA VAL B 438 1.39 -3.83 3.60
C VAL B 438 1.52 -4.65 4.91
N LEU B 439 2.72 -5.12 5.21
CA LEU B 439 2.90 -5.99 6.36
C LEU B 439 2.68 -5.31 7.72
N ASP B 440 3.09 -4.05 7.85
CA ASP B 440 2.95 -3.37 9.13
C ASP B 440 1.50 -3.29 9.52
N ASP B 441 0.68 -2.85 8.60
CA ASP B 441 -0.73 -2.67 8.88
C ASP B 441 -1.60 -3.79 8.31
N PHE B 442 -1.04 -5.00 8.31
CA PHE B 442 -1.69 -6.16 7.73
C PHE B 442 -3.07 -6.44 8.33
N TYR B 443 -3.29 -6.09 9.59
CA TYR B 443 -4.60 -6.31 10.20
C TYR B 443 -5.36 -5.02 10.45
N THR B 444 -4.77 -3.89 10.12
CA THR B 444 -5.43 -2.58 10.28
C THR B 444 -5.89 -2.01 8.93
N ALA B 445 -7.18 -1.69 8.80
CA ALA B 445 -7.67 -0.92 7.65
C ALA B 445 -7.13 0.49 7.77
N THR B 446 -6.88 1.14 6.63
CA THR B 446 -6.14 2.41 6.63
C THR B 446 -6.89 3.43 7.45
N GLU B 447 -8.19 3.51 7.17
CA GLU B 447 -9.15 4.39 7.89
C GLU B 447 -9.17 4.19 9.38
N SER B 448 -8.69 3.03 9.85
CA SER B 448 -8.72 2.70 11.26
C SER B 448 -7.44 3.03 11.94
N GLN B 449 -6.42 3.41 11.17
CA GLN B 449 -5.10 3.71 11.75
C GLN B 449 -5.18 4.54 13.05
N PTR B 450 -5.86 5.68 12.97
CA PTR B 450 -6.08 6.60 14.10
C PTR B 450 -7.57 6.75 14.41
O PTR B 450 -8.40 6.81 13.49
CB PTR B 450 -5.51 8.03 13.81
CG PTR B 450 -4.01 8.11 13.91
CD1 PTR B 450 -3.40 8.36 15.14
CD2 PTR B 450 -3.19 7.87 12.80
CE1 PTR B 450 -2.03 8.39 15.27
CE2 PTR B 450 -1.80 7.89 12.92
CZ PTR B 450 -1.23 8.16 14.16
OH PTR B 450 0.00 8.13 14.33
P PTR B 450 1.11 9.25 14.05
O1P PTR B 450 2.18 8.76 14.95
O2P PTR B 450 1.44 9.35 12.52
O3P PTR B 450 0.64 10.65 14.55
N GLU B 451 -7.90 6.87 15.70
CA GLU B 451 -9.26 7.23 16.14
C GLU B 451 -9.53 8.72 16.11
N GLU B 452 -10.57 9.14 15.39
CA GLU B 452 -11.04 10.54 15.49
C GLU B 452 -11.72 10.66 16.83
N ILE B 453 -12.42 11.75 17.09
CA ILE B 453 -13.13 11.90 18.34
C ILE B 453 -13.82 13.27 18.47
N PRO B 454 -15.18 13.26 18.48
CA PRO B 454 -16.10 14.39 18.68
C PRO B 454 -15.72 15.34 19.84
C1 L2G C . -18.47 16.78 -21.31
C2 L2G C . -19.60 15.93 -21.19
C3 L2G C . -17.25 16.54 -22.12
N1 L2G C . -18.76 17.93 -20.65
C4 L2G C . -20.52 16.57 -20.40
C5 L2G C . -19.88 14.66 -21.65
C6 L2G C . -17.38 16.30 -23.49
C7 L2G C . -16.00 16.66 -21.56
N2 L2G C . -20.06 17.78 -20.17
N3 L2G C . -21.70 15.98 -20.11
N4 L2G C . -21.06 14.07 -21.32
N5 L2G C . -18.99 14.01 -22.41
C8 L2G C . -16.24 16.13 -24.28
C9 L2G C . -14.85 16.49 -22.37
C10 L2G C . -20.53 18.89 -19.28
C11 L2G C . -21.96 14.73 -20.54
C12 L2G C . -15.01 16.18 -23.73
O1 L2G C . -16.37 15.88 -25.60
C13 L2G C . -19.67 18.96 -18.00
C14 L2G C . -20.49 20.24 -19.99
N6 L2G C . -13.88 16.07 -24.57
C15 L2G C . -17.66 15.62 -26.13
C16 L2G C . -20.15 20.07 -17.08
C17 L2G C . -20.99 21.37 -19.06
C18 L2G C . -12.85 15.28 -24.28
C19 L2G C . -20.14 21.43 -17.78
C20 L2G C . -11.67 15.28 -25.21
O2 L2G C . -12.83 14.58 -23.27
N7 L2G C . -20.63 22.48 -16.84
N8 L2G C . -10.75 14.23 -25.40
C21 L2G C . -11.28 16.34 -26.04
C22 L2G C . -21.98 22.91 -17.19
C23 L2G C . -19.75 23.64 -16.89
C24 L2G C . -9.82 14.62 -26.31
C25 L2G C . -10.78 12.93 -24.74
C26 L2G C . -10.16 15.86 -26.68
C27 L2G C . -22.50 23.84 -16.09
C28 L2G C . -20.11 24.55 -15.74
C29 L2G C . -8.69 13.98 -26.88
C30 L2G C . -9.39 16.54 -27.61
N9 L2G C . -21.51 24.95 -15.96
C31 L2G C . -7.90 14.65 -27.80
C32 L2G C . -8.26 15.93 -28.19
C33 L2G C . -21.89 26.24 -15.97
C34 L2G C . -20.78 27.26 -15.77
O3 L2G C . -23.05 26.57 -16.12
CA CA D . -8.09 -13.17 4.43
C1 L2G E . 25.71 -14.27 14.69
C2 L2G E . 25.26 -14.05 16.01
C3 L2G E . 26.42 -13.31 13.82
N1 L2G E . 25.46 -15.58 14.38
C4 L2G E . 24.70 -15.22 16.46
C5 L2G E . 25.24 -12.92 16.83
C6 L2G E . 27.58 -12.73 14.26
C7 L2G E . 26.00 -13.11 12.51
N2 L2G E . 24.93 -16.14 15.52
N3 L2G E . 24.21 -15.30 17.72
N4 L2G E . 24.70 -13.03 18.07
N5 L2G E . 25.75 -11.76 16.41
C8 L2G E . 28.29 -11.87 13.46
C9 L2G E . 26.71 -12.26 11.69
C10 L2G E . 24.45 -17.53 15.34
C11 L2G E . 24.18 -14.20 18.51
C12 L2G E . 27.84 -11.61 12.18
O1 L2G E . 29.40 -11.26 13.93
C13 L2G E . 23.53 -17.62 14.13
C14 L2G E . 25.63 -18.46 15.15
N6 L2G E . 28.59 -10.79 11.33
C15 L2G E . 29.64 -11.19 15.34
C16 L2G E . 23.02 -19.04 13.97
C17 L2G E . 25.15 -19.90 14.99
C18 L2G E . 28.00 -10.03 10.41
C19 L2G E . 24.17 -20.05 13.82
C20 L2G E . 28.86 -9.22 9.48
O2 L2G E . 26.79 -9.94 10.33
N7 L2G E . 23.63 -21.42 13.77
N8 L2G E . 28.57 -7.93 9.00
C21 L2G E . 30.09 -9.63 8.96
C22 L2G E . 23.67 -22.03 15.11
C23 L2G E . 24.38 -22.24 12.82
C24 L2G E . 29.61 -7.53 8.18
C25 L2G E . 27.35 -7.13 9.32
C26 L2G E . 30.48 -8.55 8.18
C27 L2G E . 22.99 -23.40 15.06
C28 L2G E . 23.69 -23.58 12.68
C29 L2G E . 29.86 -6.37 7.46
C30 L2G E . 31.66 -8.47 7.43
N9 L2G E . 23.71 -24.15 14.02
C31 L2G E . 31.03 -6.26 6.70
C32 L2G E . 31.93 -7.31 6.70
C33 L2G E . 24.36 -25.29 14.31
C34 L2G E . 25.05 -25.96 13.13
O3 L2G E . 24.39 -25.77 15.44
CA CA F . -9.64 7.22 11.44
#